data_4K6T
#
_entry.id   4K6T
#
_cell.length_a   74.940
_cell.length_b   67.180
_cell.length_c   121.430
_cell.angle_alpha   90.00
_cell.angle_beta   96.81
_cell.angle_gamma   90.00
#
_symmetry.space_group_name_H-M   'P 1 21 1'
#
loop_
_entity.id
_entity.type
_entity.pdbx_description
1 polymer 'Fiber protein'
2 non-polymer 'N-acetyl-alpha-neuraminic acid'
3 non-polymer 'ZINC ION'
4 non-polymer 'ACETATE ION'
5 non-polymer 1,2-ETHANEDIOL
6 non-polymer 'CHLORIDE ION'
7 non-polymer "2,2',2''-[nitrilotris(methanediyl-1H-1,2,3-triazole-4,1-diyl)]triethanol"
8 non-polymer 'MAGNESIUM ION'
9 non-polymer GLYCEROL
10 non-polymer 'CALCIUM ION'
11 water water
#
_entity_poly.entity_id   1
_entity_poly.type   'polypeptide(L)'
_entity_poly.pdbx_seq_one_letter_code
;GAMGSWNPKYDTRTLWTTPDTSPNCTIAQDKDSKLTLVLTKCGSQILANVSLIVVAGKYHIINNKTNPKIKSFTIKLLFN
KNGVLLDNSNLGKAYWNFRSGNSNVSTAYEKAIGFMPNLVAYPKPSNSKKYARDIVYGTIYLGGKPDQPAVIKTTFNQET
GCEYSITFNFSWSKTYENVEFETTSFTFSYIAQE
;
_entity_poly.pdbx_strand_id   A,B,C,E,F,G
#
loop_
_chem_comp.id
_chem_comp.type
_chem_comp.name
_chem_comp.formula
1P0 non-polymer 2,2',2''-[nitrilotris(methanediyl-1H-1,2,3-triazole-4,1-diyl)]triethanol 'C15 H24 N10 O3'
ACT non-polymer 'ACETATE ION' 'C2 H3 O2 -1'
CA non-polymer 'CALCIUM ION' 'Ca 2'
CL non-polymer 'CHLORIDE ION' 'Cl -1'
EDO non-polymer 1,2-ETHANEDIOL 'C2 H6 O2'
GOL non-polymer GLYCEROL 'C3 H8 O3'
MG non-polymer 'MAGNESIUM ION' 'Mg 2'
SIA D-saccharide, alpha linking 'N-acetyl-alpha-neuraminic acid' 'C11 H19 N O9'
ZN non-polymer 'ZINC ION' 'Zn 2'
#
# COMPACT_ATOMS: atom_id res chain seq x y z
N LYS A 9 5.93 -17.97 15.07
CA LYS A 9 5.58 -16.55 14.76
C LYS A 9 6.32 -16.09 13.50
N TYR A 10 7.66 -16.21 13.51
CA TYR A 10 8.53 -15.52 12.55
C TYR A 10 8.12 -14.04 12.49
N ASP A 11 8.20 -13.38 13.64
CA ASP A 11 7.75 -12.00 13.80
C ASP A 11 8.83 -11.01 13.33
N THR A 12 8.77 -10.61 12.06
CA THR A 12 9.77 -9.70 11.48
C THR A 12 9.57 -8.23 11.92
N ARG A 13 8.58 -7.97 12.78
CA ARG A 13 8.36 -6.65 13.38
C ARG A 13 8.90 -6.54 14.82
N THR A 14 9.55 -7.58 15.34
CA THR A 14 10.10 -7.57 16.70
C THR A 14 11.50 -8.14 16.73
N LEU A 15 12.41 -7.31 17.25
CA LEU A 15 13.77 -7.69 17.59
C LEU A 15 13.83 -7.70 19.12
N TRP A 16 14.39 -8.75 19.70
CA TRP A 16 14.34 -8.88 21.15
C TRP A 16 15.35 -9.83 21.72
N THR A 17 15.43 -9.81 23.05
CA THR A 17 16.33 -10.65 23.83
C THR A 17 15.68 -11.96 24.28
N THR A 18 14.44 -12.18 23.86
CA THR A 18 13.47 -13.11 24.48
C THR A 18 13.06 -12.63 25.88
N PRO A 19 11.90 -13.12 26.37
CA PRO A 19 11.39 -12.70 27.67
C PRO A 19 11.84 -13.58 28.82
N ASP A 20 12.77 -14.51 28.58
CA ASP A 20 13.21 -15.43 29.63
C ASP A 20 14.18 -14.73 30.60
N THR A 21 14.70 -15.43 31.59
CA THR A 21 15.68 -14.84 32.50
C THR A 21 17.14 -15.35 32.32
N SER A 22 17.42 -16.04 31.22
CA SER A 22 18.77 -16.51 30.92
C SER A 22 19.70 -15.30 30.83
N PRO A 23 20.75 -15.27 31.66
CA PRO A 23 21.69 -14.16 31.58
C PRO A 23 22.29 -13.99 30.16
N ASN A 24 22.21 -12.78 29.62
CA ASN A 24 22.63 -12.51 28.25
C ASN A 24 23.56 -11.31 28.14
N CYS A 25 24.03 -10.78 29.27
CA CYS A 25 24.66 -9.47 29.29
C CYS A 25 25.81 -9.39 30.30
N THR A 26 26.87 -8.67 29.91
CA THR A 26 28.10 -8.58 30.67
C THR A 26 28.34 -7.14 31.02
N ILE A 27 28.10 -6.80 32.29
CA ILE A 27 28.39 -5.46 32.79
C ILE A 27 29.78 -5.44 33.40
N ALA A 28 30.01 -6.19 34.47
CA ALA A 28 31.32 -6.23 35.13
C ALA A 28 31.99 -7.60 34.99
N GLN A 29 31.19 -8.66 34.89
CA GLN A 29 31.74 -9.98 34.61
C GLN A 29 30.81 -10.74 33.65
N ASP A 30 31.34 -11.80 33.09
CA ASP A 30 30.67 -12.53 32.02
C ASP A 30 29.26 -12.94 32.41
N LYS A 31 28.28 -12.50 31.63
CA LYS A 31 26.88 -12.92 31.81
C LYS A 31 26.38 -12.69 33.25
N ASP A 32 26.64 -11.48 33.74
CA ASP A 32 26.21 -11.11 35.10
C ASP A 32 24.83 -10.49 35.13
N SER A 33 24.15 -10.44 34.00
CA SER A 33 22.83 -9.83 33.96
C SER A 33 21.95 -10.33 32.81
N LYS A 34 20.65 -10.12 32.99
CA LYS A 34 19.65 -10.26 31.93
C LYS A 34 19.07 -8.89 31.60
N LEU A 35 19.43 -8.40 30.42
CA LEU A 35 18.75 -7.25 29.82
C LEU A 35 17.54 -7.79 29.05
N THR A 36 16.33 -7.42 29.47
CA THR A 36 15.15 -7.74 28.69
C THR A 36 14.84 -6.50 27.85
N LEU A 37 15.01 -6.63 26.53
CA LEU A 37 14.73 -5.54 25.63
C LEU A 37 13.89 -6.07 24.49
N VAL A 38 12.78 -5.40 24.21
CA VAL A 38 11.89 -5.72 23.11
C VAL A 38 11.74 -4.47 22.25
N LEU A 39 12.17 -4.56 20.97
CA LEU A 39 11.97 -3.50 19.98
C LEU A 39 10.91 -3.88 18.96
N THR A 40 9.78 -3.19 19.02
CA THR A 40 8.68 -3.51 18.17
C THR A 40 8.48 -2.41 17.13
N LYS A 41 8.48 -2.77 15.86
CA LYS A 41 8.42 -1.76 14.79
C LYS A 41 6.98 -1.38 14.47
N CYS A 42 6.61 -0.17 14.83
CA CYS A 42 5.35 0.44 14.42
CA CYS A 42 5.34 0.41 14.38
C CYS A 42 5.65 1.49 13.34
N GLY A 43 5.87 1.04 12.11
CA GLY A 43 6.27 1.94 11.02
C GLY A 43 7.55 2.73 11.36
N SER A 44 7.43 4.05 11.42
CA SER A 44 8.62 4.90 11.52
C SER A 44 9.08 5.14 12.97
N GLN A 45 8.39 4.49 13.92
CA GLN A 45 8.78 4.53 15.31
C GLN A 45 8.96 3.11 15.79
N ILE A 46 9.98 2.93 16.63
CA ILE A 46 10.21 1.71 17.33
C ILE A 46 9.66 1.93 18.71
N LEU A 47 8.76 1.04 19.14
CA LEU A 47 8.28 0.98 20.52
C LEU A 47 9.19 0.04 21.30
N ALA A 48 9.80 0.56 22.37
CA ALA A 48 10.81 -0.14 23.16
C ALA A 48 10.32 -0.40 24.58
N ASN A 49 10.68 -1.56 25.11
CA ASN A 49 10.35 -1.96 26.47
C ASN A 49 11.57 -2.59 27.05
N VAL A 50 11.98 -2.13 28.24
CA VAL A 50 13.25 -2.55 28.79
C VAL A 50 13.13 -2.73 30.30
N SER A 51 13.88 -3.73 30.80
CA SER A 51 14.11 -3.96 32.23
C SER A 51 15.46 -4.65 32.38
N LEU A 52 16.02 -4.60 33.59
CA LEU A 52 17.32 -5.22 33.86
C LEU A 52 17.33 -6.04 35.15
N ILE A 53 17.91 -7.23 35.06
CA ILE A 53 18.16 -8.06 36.22
C ILE A 53 19.67 -8.31 36.32
N VAL A 54 20.29 -7.80 37.38
CA VAL A 54 21.68 -8.14 37.62
C VAL A 54 21.68 -9.35 38.56
N VAL A 55 22.24 -10.46 38.08
CA VAL A 55 22.15 -11.75 38.78
C VAL A 55 23.40 -12.13 39.57
N ALA A 56 24.54 -11.50 39.28
CA ALA A 56 25.80 -11.81 39.96
C ALA A 56 26.79 -10.69 39.79
N GLY A 57 27.90 -10.81 40.50
CA GLY A 57 29.02 -9.90 40.37
C GLY A 57 28.76 -8.56 41.04
N LYS A 58 29.67 -7.63 40.75
CA LYS A 58 29.77 -6.32 41.39
C LYS A 58 28.43 -5.57 41.52
N TYR A 59 27.56 -5.62 40.52
CA TYR A 59 26.32 -4.81 40.53
C TYR A 59 25.05 -5.55 40.98
N HIS A 60 25.24 -6.75 41.51
CA HIS A 60 24.10 -7.59 41.86
C HIS A 60 23.43 -7.05 43.10
N ILE A 61 24.23 -6.81 44.14
CA ILE A 61 23.77 -6.24 45.41
C ILE A 61 24.52 -4.93 45.61
N ILE A 62 23.79 -3.83 45.55
CA ILE A 62 24.38 -2.52 45.80
C ILE A 62 24.56 -2.25 47.30
N ASN A 63 25.77 -1.85 47.68
CA ASN A 63 26.02 -1.38 49.03
C ASN A 63 26.93 -0.16 48.97
N ASN A 64 26.30 1.00 49.13
CA ASN A 64 26.98 2.27 48.99
C ASN A 64 27.68 2.71 50.28
N LYS A 65 27.50 1.96 51.36
CA LYS A 65 28.34 2.15 52.53
C LYS A 65 29.73 1.55 52.27
N THR A 66 29.76 0.33 51.75
CA THR A 66 31.01 -0.29 51.32
C THR A 66 31.62 0.38 50.10
N ASN A 67 30.78 0.72 49.13
CA ASN A 67 31.20 1.31 47.85
C ASN A 67 30.52 2.66 47.59
N PRO A 68 30.96 3.70 48.30
CA PRO A 68 30.28 4.99 48.21
C PRO A 68 30.21 5.63 46.84
N LYS A 69 31.13 5.31 45.94
CA LYS A 69 31.15 5.98 44.65
C LYS A 69 30.63 5.11 43.49
N ILE A 70 30.19 3.88 43.76
CA ILE A 70 29.51 3.06 42.74
C ILE A 70 28.05 3.51 42.62
N LYS A 71 27.77 4.43 41.71
CA LYS A 71 26.45 5.04 41.60
C LYS A 71 25.88 4.91 40.22
N SER A 72 26.56 4.23 39.30
CA SER A 72 26.08 4.09 37.94
C SER A 72 26.85 3.05 37.15
N PHE A 73 26.27 2.58 36.04
CA PHE A 73 26.95 1.71 35.10
C PHE A 73 26.24 1.79 33.75
N THR A 74 26.88 1.31 32.70
CA THR A 74 26.35 1.45 31.34
C THR A 74 26.28 0.14 30.58
N ILE A 75 25.20 -0.04 29.84
CA ILE A 75 25.07 -1.17 28.94
C ILE A 75 24.94 -0.63 27.51
N LYS A 76 25.80 -1.06 26.60
CA LYS A 76 25.80 -0.55 25.23
C LYS A 76 25.45 -1.61 24.22
N LEU A 77 24.60 -1.21 23.28
CA LEU A 77 24.32 -2.00 22.09
C LEU A 77 24.88 -1.23 20.90
N LEU A 78 25.85 -1.82 20.22
CA LEU A 78 26.48 -1.20 19.06
C LEU A 78 26.13 -2.00 17.80
N PHE A 79 25.85 -1.29 16.71
CA PHE A 79 25.39 -1.94 15.49
C PHE A 79 26.18 -1.47 14.28
N ASN A 80 26.39 -2.39 13.32
CA ASN A 80 27.01 -2.03 12.06
C ASN A 80 26.00 -1.40 11.07
N LYS A 81 26.43 -1.16 9.83
CA LYS A 81 25.59 -0.45 8.84
C LYS A 81 24.28 -1.17 8.46
N ASN A 82 24.28 -2.49 8.69
CA ASN A 82 23.12 -3.35 8.45
C ASN A 82 22.26 -3.59 9.67
N GLY A 83 22.59 -2.93 10.78
CA GLY A 83 21.83 -3.11 12.00
C GLY A 83 22.17 -4.36 12.81
N VAL A 84 23.29 -5.00 12.50
CA VAL A 84 23.74 -6.22 13.18
C VAL A 84 24.57 -5.84 14.40
N LEU A 85 24.29 -6.51 15.52
CA LEU A 85 24.93 -6.23 16.79
C LEU A 85 26.42 -6.57 16.72
N LEU A 86 27.25 -5.69 17.25
CA LEU A 86 28.71 -5.89 17.22
C LEU A 86 29.13 -6.51 18.54
N ASP A 87 30.17 -7.35 18.51
CA ASP A 87 30.54 -8.12 19.71
C ASP A 87 31.17 -7.33 20.88
N ASN A 88 31.55 -6.08 20.68
CA ASN A 88 31.94 -5.22 21.80
C ASN A 88 30.77 -4.70 22.61
N SER A 89 29.54 -4.95 22.14
CA SER A 89 28.33 -4.68 22.91
C SER A 89 28.33 -5.46 24.23
N ASN A 90 27.67 -4.91 25.25
CA ASN A 90 27.50 -5.68 26.50
C ASN A 90 26.53 -6.84 26.36
N LEU A 91 25.50 -6.66 25.55
CA LEU A 91 24.57 -7.73 25.23
C LEU A 91 25.27 -8.73 24.31
N GLY A 92 25.11 -10.02 24.62
CA GLY A 92 25.71 -11.07 23.81
C GLY A 92 24.96 -11.28 22.50
N LYS A 93 25.71 -11.55 21.44
CA LYS A 93 25.13 -11.72 20.10
C LYS A 93 24.14 -12.89 19.95
N ALA A 94 24.33 -13.95 20.74
CA ALA A 94 23.51 -15.15 20.64
C ALA A 94 22.10 -14.97 21.17
N TYR A 95 21.85 -13.82 21.79
CA TYR A 95 20.64 -13.59 22.54
C TYR A 95 19.75 -12.55 21.89
N TRP A 96 20.09 -12.14 20.66
CA TRP A 96 19.51 -10.97 20.04
C TRP A 96 19.11 -11.30 18.63
N ASN A 97 17.80 -11.36 18.38
CA ASN A 97 17.31 -11.74 17.05
C ASN A 97 15.84 -11.39 16.90
N PHE A 98 15.34 -11.58 15.68
CA PHE A 98 13.90 -11.58 15.47
C PHE A 98 13.18 -12.67 16.27
N ARG A 99 11.97 -12.32 16.71
CA ARG A 99 11.13 -13.18 17.54
C ARG A 99 10.52 -14.35 16.78
N SER A 100 10.49 -15.51 17.43
CA SER A 100 9.65 -16.64 17.03
C SER A 100 9.04 -17.22 18.31
N GLY A 101 7.74 -17.02 18.50
CA GLY A 101 7.07 -17.46 19.73
C GLY A 101 7.67 -16.73 20.92
N ASN A 102 8.05 -17.46 21.96
CA ASN A 102 8.82 -16.91 23.05
C ASN A 102 10.31 -17.06 22.86
N SER A 103 10.72 -17.46 21.66
CA SER A 103 12.11 -17.71 21.42
C SER A 103 12.59 -16.76 20.32
N ASN A 104 13.76 -17.07 19.76
CA ASN A 104 14.30 -16.36 18.61
C ASN A 104 14.29 -17.26 17.39
N VAL A 105 14.25 -16.66 16.21
CA VAL A 105 14.41 -17.45 15.01
C VAL A 105 15.78 -18.15 15.10
N SER A 106 15.94 -19.28 14.44
CA SER A 106 17.11 -20.15 14.68
C SER A 106 18.45 -19.65 14.09
N THR A 107 18.38 -18.74 13.12
CA THR A 107 19.59 -18.26 12.45
CA THR A 107 19.56 -18.26 12.40
C THR A 107 19.70 -16.74 12.60
N ALA A 108 20.92 -16.24 12.77
CA ALA A 108 21.15 -14.81 13.03
C ALA A 108 20.66 -13.97 11.87
N TYR A 109 20.09 -12.82 12.15
CA TYR A 109 19.60 -11.95 11.08
C TYR A 109 20.74 -11.27 10.35
N GLU A 110 20.52 -10.97 9.06
CA GLU A 110 21.52 -10.27 8.23
C GLU A 110 21.28 -8.74 8.14
N LYS A 111 20.05 -8.28 8.29
CA LYS A 111 19.73 -6.85 8.19
C LYS A 111 18.58 -6.46 9.10
N ALA A 112 18.70 -5.32 9.76
CA ALA A 112 17.65 -4.78 10.62
C ALA A 112 17.70 -3.25 10.67
N ILE A 113 17.90 -2.65 9.51
CA ILE A 113 18.06 -1.21 9.44
C ILE A 113 16.80 -0.48 9.91
N GLY A 114 15.64 -1.06 9.60
CA GLY A 114 14.32 -0.60 10.07
C GLY A 114 14.20 -0.43 11.57
N PHE A 115 15.07 -1.09 12.32
CA PHE A 115 15.08 -1.01 13.77
C PHE A 115 16.11 -0.03 14.29
N MET A 116 16.92 0.58 13.42
CA MET A 116 18.01 1.41 13.89
CA MET A 116 18.02 1.42 13.87
C MET A 116 17.53 2.83 14.20
N PRO A 117 18.18 3.51 15.18
CA PRO A 117 17.79 4.89 15.45
C PRO A 117 18.17 5.79 14.28
N ASN A 118 17.22 6.63 13.88
CA ASN A 118 17.34 7.48 12.71
C ASN A 118 18.52 8.43 12.84
N LEU A 119 19.39 8.48 11.82
CA LEU A 119 20.65 9.23 11.91
C LEU A 119 20.46 10.74 11.75
N VAL A 120 19.37 11.17 11.11
CA VAL A 120 19.10 12.59 10.98
C VAL A 120 18.54 13.10 12.31
N ALA A 121 17.66 12.33 12.95
CA ALA A 121 17.16 12.66 14.28
C ALA A 121 18.27 12.62 15.32
N TYR A 122 19.11 11.59 15.23
CA TYR A 122 20.12 11.31 16.20
C TYR A 122 21.48 11.09 15.52
N PRO A 123 22.16 12.16 15.08
CA PRO A 123 23.44 11.95 14.40
C PRO A 123 24.53 11.31 15.28
N LYS A 124 25.46 10.58 14.64
CA LYS A 124 26.67 10.06 15.29
C LYS A 124 27.49 11.21 15.83
N PRO A 125 28.40 10.93 16.77
CA PRO A 125 29.21 12.03 17.26
C PRO A 125 30.06 12.61 16.12
N SER A 126 30.15 13.93 16.09
CA SER A 126 30.86 14.64 15.06
C SER A 126 31.26 16.00 15.64
N ASN A 127 31.79 16.87 14.79
CA ASN A 127 32.12 18.21 15.20
C ASN A 127 30.90 19.14 15.36
N SER A 128 29.77 18.71 14.82
CA SER A 128 28.55 19.51 14.84
C SER A 128 27.91 19.49 16.24
N LYS A 129 27.04 20.46 16.49
CA LYS A 129 26.34 20.61 17.77
C LYS A 129 25.54 19.37 18.11
N LYS A 130 25.73 18.88 19.32
CA LYS A 130 25.02 17.72 19.81
C LYS A 130 23.69 18.18 20.44
N TYR A 131 22.55 17.62 20.02
CA TYR A 131 21.25 17.98 20.62
C TYR A 131 20.73 16.94 21.58
N ALA A 132 20.02 17.41 22.61
CA ALA A 132 19.52 16.55 23.67
C ALA A 132 18.40 15.59 23.24
N ARG A 133 17.77 15.80 22.08
CA ARG A 133 16.66 14.94 21.67
C ARG A 133 17.09 13.48 21.41
N ASP A 134 18.40 13.19 21.35
CA ASP A 134 18.90 11.82 21.25
C ASP A 134 18.93 11.08 22.59
N ILE A 135 18.37 11.70 23.62
CA ILE A 135 18.25 11.09 24.94
C ILE A 135 16.80 10.94 25.35
N VAL A 136 16.48 9.82 25.97
CA VAL A 136 15.25 9.69 26.76
C VAL A 136 15.59 9.33 28.21
N TYR A 137 14.92 9.98 29.15
CA TYR A 137 15.07 9.65 30.56
C TYR A 137 13.82 8.99 31.13
N GLY A 138 14.03 8.00 32.00
CA GLY A 138 12.94 7.43 32.80
C GLY A 138 13.45 7.03 34.17
N THR A 139 12.53 6.69 35.04
CA THR A 139 12.84 6.23 36.39
C THR A 139 12.25 4.84 36.55
N ILE A 140 13.07 3.90 36.99
CA ILE A 140 12.57 2.57 37.32
C ILE A 140 12.85 2.32 38.80
N TYR A 141 12.33 1.23 39.35
CA TYR A 141 12.38 1.03 40.80
C TYR A 141 12.99 -0.31 41.12
N LEU A 142 14.02 -0.30 41.98
CA LEU A 142 14.72 -1.53 42.32
C LEU A 142 13.85 -2.38 43.22
N GLY A 143 13.73 -3.65 42.86
CA GLY A 143 12.87 -4.62 43.57
C GLY A 143 11.40 -4.27 43.53
N GLY A 144 11.03 -3.37 42.62
CA GLY A 144 9.69 -2.83 42.60
C GLY A 144 9.32 -2.00 43.81
N LYS A 145 10.30 -1.60 44.63
CA LYS A 145 9.95 -0.84 45.83
C LYS A 145 9.86 0.65 45.51
N PRO A 146 8.76 1.30 45.89
CA PRO A 146 8.60 2.67 45.43
C PRO A 146 9.61 3.67 46.05
N ASP A 147 10.26 3.31 47.16
CA ASP A 147 11.35 4.16 47.69
C ASP A 147 12.76 3.75 47.19
N GLN A 148 12.84 2.99 46.12
CA GLN A 148 14.13 2.63 45.55
C GLN A 148 14.27 3.04 44.08
N PRO A 149 14.11 4.35 43.79
CA PRO A 149 14.26 4.80 42.42
C PRO A 149 15.71 4.71 41.88
N ALA A 150 15.81 4.44 40.58
CA ALA A 150 17.06 4.63 39.83
C ALA A 150 16.70 5.20 38.45
N VAL A 151 17.60 5.97 37.88
CA VAL A 151 17.37 6.59 36.60
C VAL A 151 17.90 5.72 35.49
N ILE A 152 17.06 5.49 34.48
CA ILE A 152 17.52 4.90 33.21
C ILE A 152 17.60 6.00 32.16
N LYS A 153 18.82 6.25 31.69
CA LYS A 153 19.08 7.22 30.63
C LYS A 153 19.42 6.45 29.35
N THR A 154 18.60 6.62 28.33
CA THR A 154 18.82 5.95 27.04
C THR A 154 19.31 6.95 26.01
N THR A 155 20.39 6.61 25.33
CA THR A 155 21.02 7.53 24.36
C THR A 155 21.15 6.84 22.99
N PHE A 156 20.73 7.52 21.92
CA PHE A 156 20.81 7.00 20.55
C PHE A 156 21.97 7.53 19.78
N ASN A 157 22.73 6.59 19.19
CA ASN A 157 23.78 6.87 18.23
C ASN A 157 24.90 7.76 18.74
N GLN A 158 25.31 7.59 20.00
CA GLN A 158 26.40 8.42 20.55
C GLN A 158 27.68 7.66 20.86
N GLU A 159 27.77 6.40 20.41
CA GLU A 159 28.99 5.60 20.53
C GLU A 159 29.78 5.68 19.23
N THR A 160 31.10 5.52 19.33
CA THR A 160 31.95 5.45 18.14
C THR A 160 32.27 3.98 17.94
N GLY A 161 32.99 3.64 16.87
CA GLY A 161 33.23 2.25 16.49
C GLY A 161 32.00 1.51 15.98
N CYS A 162 31.01 2.22 15.44
CA CYS A 162 29.77 1.58 14.99
C CYS A 162 29.02 2.56 14.10
N GLU A 163 27.98 2.11 13.44
CA GLU A 163 27.12 2.97 12.62
C GLU A 163 25.93 3.44 13.40
N TYR A 164 25.45 2.62 14.32
CA TYR A 164 24.32 2.99 15.15
C TYR A 164 24.56 2.47 16.56
N SER A 165 23.88 3.04 17.55
CA SER A 165 23.97 2.50 18.92
C SER A 165 22.77 2.85 19.78
N ILE A 166 22.55 2.01 20.79
CA ILE A 166 21.60 2.32 21.86
C ILE A 166 22.34 2.05 23.13
N THR A 167 22.41 3.04 24.00
CA THR A 167 23.13 2.88 25.26
CA THR A 167 23.17 2.96 25.25
C THR A 167 22.21 3.15 26.43
N PHE A 168 22.33 2.32 27.45
CA PHE A 168 21.48 2.46 28.64
C PHE A 168 22.38 2.77 29.79
N ASN A 169 22.17 3.90 30.43
CA ASN A 169 22.95 4.22 31.63
C ASN A 169 22.02 4.20 32.83
N PHE A 170 22.38 3.40 33.84
CA PHE A 170 21.63 3.21 35.08
C PHE A 170 22.36 3.95 36.18
N SER A 171 21.67 4.80 36.94
CA SER A 171 22.31 5.58 38.00
C SER A 171 21.33 5.86 39.10
N TRP A 172 21.85 6.20 40.27
CA TRP A 172 20.99 6.51 41.42
C TRP A 172 21.70 7.49 42.32
N SER A 173 20.91 8.19 43.14
CA SER A 173 21.40 9.24 44.05
CA SER A 173 21.42 9.24 44.04
C SER A 173 21.39 8.84 45.51
N LYS A 174 20.57 7.85 45.86
CA LYS A 174 20.44 7.44 47.24
C LYS A 174 21.59 6.55 47.67
N THR A 175 21.87 6.49 48.96
CA THR A 175 22.84 5.55 49.49
C THR A 175 22.18 4.19 49.77
N TYR A 176 22.16 3.29 48.79
CA TYR A 176 21.51 2.00 48.97
C TYR A 176 22.42 1.03 49.72
N GLU A 177 21.83 0.32 50.69
CA GLU A 177 22.57 -0.69 51.47
C GLU A 177 21.94 -2.06 51.30
N ASN A 178 22.66 -2.95 50.63
CA ASN A 178 22.19 -4.29 50.28
C ASN A 178 20.87 -4.31 49.54
N VAL A 179 20.84 -3.63 48.41
CA VAL A 179 19.69 -3.58 47.57
C VAL A 179 19.99 -4.32 46.30
N GLU A 180 19.11 -5.25 45.94
CA GLU A 180 19.31 -6.08 44.76
C GLU A 180 19.00 -5.30 43.49
N PHE A 181 19.90 -5.31 42.53
CA PHE A 181 19.68 -4.52 41.30
C PHE A 181 18.90 -5.30 40.24
N GLU A 182 17.59 -5.30 40.43
CA GLU A 182 16.66 -5.88 39.46
C GLU A 182 15.45 -4.93 39.42
N THR A 183 15.03 -4.56 38.20
CA THR A 183 14.23 -3.34 37.99
C THR A 183 12.82 -3.61 37.50
N THR A 184 11.96 -2.64 37.72
CA THR A 184 10.70 -2.54 37.01
C THR A 184 10.98 -2.23 35.51
N SER A 185 9.92 -2.27 34.70
CA SER A 185 9.99 -2.07 33.26
C SER A 185 9.70 -0.64 32.88
N PHE A 186 10.31 -0.21 31.76
CA PHE A 186 10.14 1.14 31.21
C PHE A 186 9.90 1.05 29.70
N THR A 187 8.95 1.85 29.21
CA THR A 187 8.61 1.92 27.80
C THR A 187 9.00 3.30 27.22
N PHE A 188 9.53 3.32 26.01
CA PHE A 188 9.82 4.55 25.31
C PHE A 188 9.73 4.23 23.80
N SER A 189 9.91 5.24 22.98
CA SER A 189 9.98 5.07 21.54
C SER A 189 11.06 5.93 20.99
N TYR A 190 11.40 5.66 19.74
CA TYR A 190 12.36 6.47 19.00
C TYR A 190 12.10 6.36 17.52
N ILE A 191 12.67 7.31 16.80
CA ILE A 191 12.44 7.42 15.38
C ILE A 191 13.35 6.44 14.66
N ALA A 192 12.75 5.70 13.73
CA ALA A 192 13.47 4.66 13.00
C ALA A 192 14.18 5.21 11.73
N GLN A 193 15.31 4.58 11.41
CA GLN A 193 16.13 4.96 10.27
C GLN A 193 15.38 4.78 8.97
N GLU A 194 14.63 3.68 8.83
CA GLU A 194 13.95 3.35 7.57
C GLU A 194 12.56 2.86 7.89
N LYS B 9 -15.87 -1.50 10.35
CA LYS B 9 -15.22 -2.84 10.43
C LYS B 9 -14.85 -3.20 11.88
N TYR B 10 -14.65 -4.49 12.12
CA TYR B 10 -14.16 -5.00 13.40
C TYR B 10 -12.68 -4.62 13.61
N ASP B 11 -12.35 -3.91 14.69
CA ASP B 11 -10.95 -3.58 14.97
C ASP B 11 -10.40 -4.66 15.91
N THR B 12 -9.88 -5.71 15.28
CA THR B 12 -9.37 -6.88 15.99
C THR B 12 -8.03 -6.59 16.69
N ARG B 13 -7.42 -5.44 16.42
CA ARG B 13 -6.16 -5.06 17.06
C ARG B 13 -6.36 -4.18 18.28
N THR B 14 -7.61 -3.86 18.63
CA THR B 14 -7.91 -3.12 19.86
C THR B 14 -8.94 -3.80 20.74
N LEU B 15 -8.58 -3.93 22.01
CA LEU B 15 -9.46 -4.40 23.08
C LEU B 15 -9.60 -3.25 24.09
N TRP B 16 -10.82 -2.79 24.31
CA TRP B 16 -10.99 -1.59 25.12
C TRP B 16 -12.29 -1.54 25.88
N THR B 17 -12.44 -0.48 26.69
CA THR B 17 -13.62 -0.22 27.52
C THR B 17 -14.61 0.71 26.83
N THR B 18 -14.26 1.14 25.62
CA THR B 18 -14.86 2.30 24.92
C THR B 18 -14.41 3.59 25.60
N PRO B 19 -14.41 4.71 24.86
CA PRO B 19 -13.92 5.98 25.38
C PRO B 19 -15.03 6.89 25.97
N ASP B 20 -16.21 6.36 26.23
CA ASP B 20 -17.27 7.18 26.82
C ASP B 20 -17.02 7.27 28.33
N THR B 21 -17.88 7.98 29.04
CA THR B 21 -17.71 8.14 30.49
C THR B 21 -18.73 7.38 31.34
N SER B 22 -19.42 6.42 30.75
CA SER B 22 -20.41 5.66 31.51
CA SER B 22 -20.41 5.62 31.48
C SER B 22 -19.70 4.66 32.43
N PRO B 23 -20.07 4.66 33.72
CA PRO B 23 -19.35 3.82 34.66
C PRO B 23 -19.30 2.36 34.26
N ASN B 24 -18.14 1.73 34.40
CA ASN B 24 -17.96 0.34 33.99
C ASN B 24 -17.18 -0.45 35.03
N CYS B 25 -16.94 0.17 36.20
CA CYS B 25 -16.01 -0.36 37.16
C CYS B 25 -16.53 -0.19 38.61
N THR B 26 -16.26 -1.21 39.44
CA THR B 26 -16.68 -1.25 40.84
C THR B 26 -15.44 -1.32 41.73
N ILE B 27 -15.10 -0.22 42.38
CA ILE B 27 -13.99 -0.21 43.32
C ILE B 27 -14.50 -0.52 44.73
N ALA B 28 -15.39 0.33 45.25
CA ALA B 28 -15.98 0.11 46.58
C ALA B 28 -17.47 -0.15 46.49
N GLN B 29 -18.14 0.36 45.46
CA GLN B 29 -19.56 0.07 45.25
C GLN B 29 -19.86 -0.03 43.77
N ASP B 30 -20.97 -0.68 43.47
CA ASP B 30 -21.32 -1.04 42.10
C ASP B 30 -21.29 0.17 41.16
N LYS B 31 -20.51 0.04 40.09
CA LYS B 31 -20.43 1.08 39.05
C LYS B 31 -20.08 2.45 39.63
N ASP B 32 -19.06 2.51 40.50
CA ASP B 32 -18.64 3.81 41.07
C ASP B 32 -17.57 4.54 40.25
N SER B 33 -17.23 4.02 39.07
CA SER B 33 -16.11 4.56 38.33
C SER B 33 -16.10 4.16 36.86
N LYS B 34 -15.42 4.97 36.08
CA LYS B 34 -15.10 4.69 34.69
C LYS B 34 -13.61 4.48 34.55
N LEU B 35 -13.20 3.23 34.34
CA LEU B 35 -11.86 2.94 33.91
C LEU B 35 -11.84 3.02 32.40
N THR B 36 -11.06 3.93 31.83
CA THR B 36 -10.87 4.00 30.38
C THR B 36 -9.54 3.33 30.10
N LEU B 37 -9.61 2.19 29.43
CA LEU B 37 -8.45 1.39 29.16
C LEU B 37 -8.52 0.95 27.71
N VAL B 38 -7.45 1.25 26.98
CA VAL B 38 -7.33 0.91 25.55
C VAL B 38 -6.04 0.09 25.37
N LEU B 39 -6.19 -1.15 24.88
CA LEU B 39 -5.06 -2.01 24.59
C LEU B 39 -5.01 -2.18 23.09
N THR B 40 -3.92 -1.71 22.51
CA THR B 40 -3.72 -1.75 21.08
C THR B 40 -2.55 -2.66 20.78
N LYS B 41 -2.75 -3.65 19.91
CA LYS B 41 -1.75 -4.67 19.72
C LYS B 41 -0.85 -4.26 18.60
N CYS B 42 0.42 -4.01 18.93
CA CYS B 42 1.48 -3.77 17.96
CA CYS B 42 1.46 -3.81 17.92
C CYS B 42 2.41 -4.99 17.99
N GLY B 43 1.98 -6.10 17.41
CA GLY B 43 2.79 -7.30 17.40
C GLY B 43 3.10 -7.81 18.78
N SER B 44 4.38 -7.93 19.11
CA SER B 44 4.82 -8.51 20.38
C SER B 44 4.57 -7.62 21.62
N GLN B 45 4.20 -6.36 21.42
CA GLN B 45 3.84 -5.48 22.53
C GLN B 45 2.41 -4.98 22.39
N ILE B 46 1.76 -4.85 23.55
CA ILE B 46 0.52 -4.12 23.72
C ILE B 46 0.83 -2.70 24.18
N LEU B 47 0.36 -1.73 23.40
CA LEU B 47 0.43 -0.33 23.76
C LEU B 47 -0.83 -0.04 24.55
N ALA B 48 -0.65 0.35 25.81
CA ALA B 48 -1.77 0.54 26.74
C ALA B 48 -1.93 2.00 27.14
N ASN B 49 -3.17 2.46 27.16
CA ASN B 49 -3.52 3.83 27.56
C ASN B 49 -4.68 3.75 28.59
N VAL B 50 -4.44 4.31 29.77
CA VAL B 50 -5.33 4.22 30.92
C VAL B 50 -5.58 5.58 31.60
N SER B 51 -6.83 5.79 32.02
CA SER B 51 -7.24 6.84 32.96
C SER B 51 -8.40 6.33 33.82
N LEU B 52 -8.66 7.05 34.92
CA LEU B 52 -9.73 6.70 35.83
C LEU B 52 -10.56 7.94 36.25
N ILE B 53 -11.87 7.79 36.19
CA ILE B 53 -12.84 8.75 36.75
C ILE B 53 -13.70 8.04 37.80
N VAL B 54 -13.58 8.44 39.06
CA VAL B 54 -14.47 7.94 40.11
C VAL B 54 -15.66 8.88 40.19
N VAL B 55 -16.88 8.33 40.12
CA VAL B 55 -18.11 9.16 40.07
C VAL B 55 -18.96 9.09 41.35
N ALA B 56 -18.68 8.15 42.24
CA ALA B 56 -19.49 7.95 43.42
C ALA B 56 -18.75 7.09 44.42
N GLY B 57 -19.31 7.04 45.62
CA GLY B 57 -18.81 6.19 46.68
C GLY B 57 -17.56 6.70 47.35
N LYS B 58 -16.91 5.77 48.04
CA LYS B 58 -15.84 6.06 48.97
C LYS B 58 -14.66 6.78 48.33
N TYR B 59 -14.34 6.51 47.06
CA TYR B 59 -13.16 7.12 46.45
C TYR B 59 -13.48 8.29 45.53
N HIS B 60 -14.72 8.76 45.55
CA HIS B 60 -15.16 9.80 44.63
C HIS B 60 -14.53 11.12 44.97
N ILE B 61 -14.64 11.52 46.23
CA ILE B 61 -14.01 12.74 46.72
C ILE B 61 -13.05 12.38 47.87
N ILE B 62 -11.74 12.61 47.66
CA ILE B 62 -10.77 12.31 48.67
C ILE B 62 -10.75 13.42 49.73
N ASN B 63 -10.90 13.05 50.99
CA ASN B 63 -10.68 13.97 52.07
C ASN B 63 -9.84 13.29 53.14
N ASN B 64 -8.54 13.57 53.09
CA ASN B 64 -7.57 13.07 54.02
C ASN B 64 -7.47 13.89 55.30
N LYS B 65 -8.24 14.97 55.39
CA LYS B 65 -8.47 15.61 56.68
C LYS B 65 -9.37 14.75 57.57
N THR B 66 -10.50 14.35 57.01
CA THR B 66 -11.48 13.56 57.74
C THR B 66 -11.05 12.08 57.74
N ASN B 67 -10.42 11.64 56.64
CA ASN B 67 -9.99 10.26 56.49
C ASN B 67 -8.52 10.12 56.10
N PRO B 68 -7.59 10.42 57.03
CA PRO B 68 -6.17 10.41 56.67
C PRO B 68 -5.60 9.05 56.28
N LYS B 69 -6.29 7.95 56.58
CA LYS B 69 -5.74 6.62 56.27
C LYS B 69 -6.16 6.10 54.90
N ILE B 70 -7.04 6.80 54.22
CA ILE B 70 -7.46 6.41 52.88
C ILE B 70 -6.48 6.99 51.84
N LYS B 71 -5.50 6.17 51.46
CA LYS B 71 -4.38 6.62 50.63
C LYS B 71 -4.09 5.74 49.43
N SER B 72 -4.91 4.72 49.20
CA SER B 72 -4.73 3.84 48.04
C SER B 72 -5.96 2.95 47.78
N PHE B 73 -6.05 2.42 46.56
CA PHE B 73 -7.05 1.41 46.23
C PHE B 73 -6.58 0.66 44.97
N THR B 74 -7.24 -0.45 44.66
CA THR B 74 -6.77 -1.34 43.61
C THR B 74 -7.89 -1.73 42.68
N ILE B 75 -7.61 -1.76 41.39
CA ILE B 75 -8.57 -2.19 40.38
C ILE B 75 -7.92 -3.37 39.67
N LYS B 76 -8.60 -4.52 39.67
CA LYS B 76 -8.04 -5.76 39.14
C LYS B 76 -8.77 -6.24 37.89
N LEU B 77 -8.05 -6.56 36.83
CA LEU B 77 -8.59 -7.25 35.68
C LEU B 77 -7.98 -8.65 35.66
N LEU B 78 -8.83 -9.66 35.83
CA LEU B 78 -8.42 -11.05 35.88
C LEU B 78 -8.92 -11.73 34.61
N PHE B 79 -8.07 -12.57 34.03
CA PHE B 79 -8.40 -13.28 32.78
C PHE B 79 -8.17 -14.78 32.85
N ASN B 80 -9.02 -15.53 32.15
CA ASN B 80 -8.85 -16.98 32.10
C ASN B 80 -7.83 -17.38 31.05
N LYS B 81 -7.71 -18.69 30.80
CA LYS B 81 -6.72 -19.19 29.81
C LYS B 81 -6.91 -18.69 28.35
N ASN B 82 -8.12 -18.24 28.00
CA ASN B 82 -8.41 -17.69 26.66
C ASN B 82 -8.39 -16.17 26.58
N GLY B 83 -7.99 -15.54 27.68
CA GLY B 83 -7.84 -14.11 27.73
C GLY B 83 -9.16 -13.41 27.98
N VAL B 84 -10.17 -14.18 28.42
CA VAL B 84 -11.51 -13.68 28.71
C VAL B 84 -11.54 -13.15 30.14
N LEU B 85 -12.14 -11.98 30.32
CA LEU B 85 -12.20 -11.29 31.62
C LEU B 85 -13.10 -12.07 32.61
N LEU B 86 -12.58 -12.34 33.80
CA LEU B 86 -13.31 -13.08 34.82
C LEU B 86 -14.26 -12.15 35.54
N ASP B 87 -15.39 -12.73 36.00
CA ASP B 87 -16.51 -12.02 36.65
C ASP B 87 -16.13 -11.28 37.90
N ASN B 88 -15.12 -11.79 38.62
CA ASN B 88 -14.67 -11.21 39.88
C ASN B 88 -13.79 -10.00 39.67
N SER B 89 -13.44 -9.67 38.43
CA SER B 89 -12.68 -8.44 38.17
C SER B 89 -13.48 -7.20 38.61
N ASN B 90 -12.77 -6.12 38.91
CA ASN B 90 -13.41 -4.84 39.19
C ASN B 90 -14.04 -4.25 37.95
N LEU B 91 -13.37 -4.43 36.81
CA LEU B 91 -13.91 -3.98 35.52
C LEU B 91 -15.06 -4.92 35.14
N GLY B 92 -16.17 -4.35 34.70
CA GLY B 92 -17.34 -5.13 34.32
C GLY B 92 -17.12 -5.69 32.93
N LYS B 93 -17.79 -6.79 32.63
CA LYS B 93 -17.60 -7.53 31.36
C LYS B 93 -18.43 -7.00 30.21
N ALA B 94 -19.50 -6.26 30.52
CA ALA B 94 -20.46 -5.84 29.49
C ALA B 94 -19.88 -4.86 28.44
N TYR B 95 -18.87 -4.06 28.79
CA TYR B 95 -18.29 -3.16 27.78
C TYR B 95 -16.78 -3.28 27.60
N TRP B 96 -16.25 -4.47 27.92
CA TRP B 96 -14.89 -4.86 27.62
C TRP B 96 -14.91 -5.82 26.46
N ASN B 97 -14.51 -5.33 25.28
CA ASN B 97 -14.56 -6.15 24.07
C ASN B 97 -13.70 -5.53 22.97
N PHE B 98 -13.58 -6.19 21.83
CA PHE B 98 -12.90 -5.59 20.65
C PHE B 98 -13.66 -4.40 20.13
N ARG B 99 -12.91 -3.45 19.58
CA ARG B 99 -13.48 -2.18 19.16
C ARG B 99 -14.22 -2.25 17.85
N SER B 100 -15.26 -1.42 17.77
CA SER B 100 -15.96 -1.12 16.55
C SER B 100 -16.34 0.37 16.63
N GLY B 101 -15.59 1.21 15.92
CA GLY B 101 -15.85 2.65 15.94
C GLY B 101 -15.57 3.19 17.34
N ASN B 102 -16.53 3.89 17.93
CA ASN B 102 -16.42 4.35 19.29
C ASN B 102 -17.12 3.38 20.23
N SER B 103 -17.48 2.21 19.70
CA SER B 103 -18.20 1.23 20.47
C SER B 103 -17.46 -0.11 20.46
N ASN B 104 -18.18 -1.21 20.69
CA ASN B 104 -17.59 -2.54 20.68
C ASN B 104 -18.24 -3.43 19.65
N VAL B 105 -17.56 -4.47 19.21
CA VAL B 105 -18.19 -5.50 18.38
C VAL B 105 -19.31 -6.15 19.21
N SER B 106 -20.29 -6.71 18.52
CA SER B 106 -21.50 -7.23 19.16
C SER B 106 -21.33 -8.54 19.94
N THR B 107 -20.49 -9.43 19.41
CA THR B 107 -20.28 -10.74 20.00
C THR B 107 -19.19 -10.62 21.07
N ALA B 108 -19.50 -11.09 22.27
CA ALA B 108 -18.52 -11.12 23.35
C ALA B 108 -17.32 -11.99 22.92
N TYR B 109 -16.10 -11.46 22.98
CA TYR B 109 -14.98 -12.23 22.43
C TYR B 109 -14.77 -13.55 23.16
N GLU B 110 -14.23 -14.54 22.46
CA GLU B 110 -13.93 -15.85 23.05
C GLU B 110 -12.43 -16.10 23.27
N LYS B 111 -11.58 -15.38 22.53
CA LYS B 111 -10.14 -15.54 22.58
C LYS B 111 -9.47 -14.16 22.48
N ALA B 112 -8.57 -13.84 23.40
CA ALA B 112 -7.73 -12.64 23.25
C ALA B 112 -6.34 -12.89 23.83
N ILE B 113 -5.82 -14.09 23.55
CA ILE B 113 -4.54 -14.48 24.14
C ILE B 113 -3.41 -13.53 23.73
N GLY B 114 -3.54 -12.94 22.55
CA GLY B 114 -2.52 -12.04 22.01
C GLY B 114 -2.45 -10.71 22.74
N PHE B 115 -3.42 -10.47 23.62
CA PHE B 115 -3.46 -9.24 24.40
C PHE B 115 -3.07 -9.49 25.82
N MET B 116 -2.75 -10.73 26.18
CA MET B 116 -2.46 -11.09 27.56
C MET B 116 -0.98 -10.85 27.88
N PRO B 117 -0.68 -10.51 29.13
CA PRO B 117 0.69 -10.27 29.47
C PRO B 117 1.46 -11.58 29.45
N ASN B 118 2.62 -11.55 28.81
CA ASN B 118 3.44 -12.74 28.58
C ASN B 118 3.85 -13.44 29.88
N LEU B 119 3.58 -14.75 29.96
CA LEU B 119 3.81 -15.53 31.16
C LEU B 119 5.28 -15.83 31.43
N VAL B 120 6.12 -15.90 30.40
CA VAL B 120 7.56 -16.06 30.61
C VAL B 120 8.12 -14.73 31.15
N ALA B 121 7.68 -13.60 30.58
CA ALA B 121 8.09 -12.28 31.09
C ALA B 121 7.59 -12.03 32.50
N TYR B 122 6.33 -12.40 32.73
CA TYR B 122 5.60 -12.08 33.97
C TYR B 122 4.92 -13.34 34.53
N PRO B 123 5.69 -14.22 35.18
CA PRO B 123 5.10 -15.51 35.61
C PRO B 123 4.03 -15.33 36.67
N LYS B 124 3.03 -16.23 36.68
CA LYS B 124 1.91 -16.09 37.59
C LYS B 124 2.37 -16.50 38.99
N PRO B 125 1.60 -16.17 40.04
CA PRO B 125 2.04 -16.61 41.38
C PRO B 125 2.16 -18.16 41.47
N SER B 126 3.17 -18.73 42.11
CA SER B 126 4.23 -18.12 42.90
C SER B 126 4.62 -19.18 43.96
N ASN B 127 4.41 -18.84 45.23
CA ASN B 127 5.23 -19.34 46.31
C ASN B 127 6.66 -19.21 45.82
N SER B 128 7.00 -18.00 45.43
CA SER B 128 8.14 -17.75 44.59
C SER B 128 8.29 -16.24 44.53
N LYS B 129 9.32 -15.71 45.18
CA LYS B 129 9.69 -14.31 44.95
C LYS B 129 9.92 -14.14 43.46
N LYS B 130 9.38 -13.04 42.94
CA LYS B 130 9.34 -12.78 41.52
C LYS B 130 10.08 -11.48 41.16
N TYR B 131 10.57 -11.39 39.93
CA TYR B 131 11.35 -10.24 39.46
C TYR B 131 10.42 -9.04 39.24
N ALA B 132 10.92 -7.86 39.57
CA ALA B 132 10.16 -6.62 39.48
C ALA B 132 9.79 -6.17 38.07
N ARG B 133 10.31 -6.82 37.04
CA ARG B 133 9.99 -6.42 35.67
C ARG B 133 8.50 -6.64 35.36
N ASP B 134 7.79 -7.39 36.21
CA ASP B 134 6.33 -7.47 36.04
C ASP B 134 5.53 -6.23 36.55
N ILE B 135 6.24 -5.16 36.92
CA ILE B 135 5.62 -3.91 37.38
C ILE B 135 6.04 -2.74 36.50
N VAL B 136 5.12 -1.82 36.30
CA VAL B 136 5.41 -0.50 35.67
C VAL B 136 4.87 0.59 36.60
N TYR B 137 5.70 1.57 36.97
CA TYR B 137 5.22 2.73 37.70
C TYR B 137 5.02 3.95 36.83
N GLY B 138 3.96 4.67 37.10
CA GLY B 138 3.77 5.99 36.50
C GLY B 138 3.13 6.94 37.50
N THR B 139 3.01 8.20 37.11
CA THR B 139 2.34 9.22 37.92
C THR B 139 1.26 9.87 37.08
N ILE B 140 0.07 9.97 37.62
CA ILE B 140 -0.99 10.78 36.98
C ILE B 140 -1.40 11.89 37.95
N TYR B 141 -2.26 12.78 37.47
CA TYR B 141 -2.59 14.03 38.19
C TYR B 141 -4.10 14.19 38.31
N LEU B 142 -4.53 14.41 39.54
CA LEU B 142 -5.94 14.51 39.83
C LEU B 142 -6.41 15.86 39.40
N GLY B 143 -7.52 15.86 38.64
CA GLY B 143 -8.09 17.10 38.11
C GLY B 143 -7.19 17.80 37.11
N GLY B 144 -6.18 17.13 36.60
CA GLY B 144 -5.23 17.79 35.74
C GLY B 144 -4.35 18.83 36.41
N LYS B 145 -4.35 18.88 37.74
CA LYS B 145 -3.54 19.89 38.45
CA LYS B 145 -3.54 19.89 38.45
C LYS B 145 -2.11 19.37 38.67
N PRO B 146 -1.12 20.18 38.31
CA PRO B 146 0.23 19.63 38.41
C PRO B 146 0.74 19.38 39.83
N ASP B 147 0.07 19.92 40.83
CA ASP B 147 0.46 19.72 42.21
C ASP B 147 -0.46 18.68 42.88
N GLN B 148 -1.17 17.89 42.08
CA GLN B 148 -2.01 16.80 42.60
C GLN B 148 -1.64 15.41 42.05
N PRO B 149 -0.38 14.98 42.27
CA PRO B 149 0.08 13.68 41.83
C PRO B 149 -0.53 12.50 42.60
N ALA B 150 -0.77 11.41 41.87
CA ALA B 150 -0.95 10.07 42.45
C ALA B 150 -0.18 9.05 41.62
N VAL B 151 0.31 8.01 42.30
CA VAL B 151 1.09 6.96 41.68
C VAL B 151 0.14 5.91 41.13
N ILE B 152 0.36 5.55 39.87
CA ILE B 152 -0.34 4.39 39.29
C ILE B 152 0.71 3.28 39.10
N LYS B 153 0.51 2.19 39.82
CA LYS B 153 1.39 1.04 39.79
C LYS B 153 0.64 -0.08 39.10
N THR B 154 1.18 -0.51 37.97
CA THR B 154 0.58 -1.57 37.17
C THR B 154 1.41 -2.86 37.29
N THR B 155 0.74 -3.97 37.63
CA THR B 155 1.40 -5.24 37.84
C THR B 155 0.76 -6.31 36.95
N PHE B 156 1.61 -7.13 36.35
CA PHE B 156 1.18 -8.18 35.42
C PHE B 156 1.28 -9.55 36.06
N ASN B 157 0.17 -10.29 35.94
CA ASN B 157 0.07 -11.69 36.30
C ASN B 157 0.48 -11.99 37.76
N GLN B 158 0.03 -11.17 38.69
CA GLN B 158 0.35 -11.44 40.10
C GLN B 158 -0.88 -11.75 40.94
N GLU B 159 -2.02 -11.91 40.30
CA GLU B 159 -3.22 -12.36 41.02
C GLU B 159 -3.33 -13.87 40.93
N THR B 160 -3.85 -14.48 42.00
CA THR B 160 -4.18 -15.89 42.03
C THR B 160 -5.61 -16.08 41.49
N GLY B 161 -6.02 -17.33 41.27
CA GLY B 161 -7.39 -17.62 40.79
C GLY B 161 -7.65 -17.13 39.37
N CYS B 162 -6.61 -17.10 38.54
CA CYS B 162 -6.74 -16.70 37.14
C CYS B 162 -5.52 -17.21 36.40
N GLU B 163 -5.53 -17.15 35.08
CA GLU B 163 -4.32 -17.43 34.28
C GLU B 163 -3.50 -16.16 34.00
N TYR B 164 -4.17 -15.03 33.74
CA TYR B 164 -3.49 -13.75 33.47
C TYR B 164 -4.17 -12.66 34.29
N SER B 165 -3.44 -11.58 34.58
CA SER B 165 -4.02 -10.42 35.22
C SER B 165 -3.27 -9.12 34.96
N ILE B 166 -4.03 -8.02 34.97
CA ILE B 166 -3.52 -6.66 34.98
C ILE B 166 -4.14 -5.97 36.18
N THR B 167 -3.32 -5.49 37.11
CA THR B 167 -3.78 -4.80 38.33
CA THR B 167 -3.85 -4.76 38.27
C THR B 167 -3.26 -3.36 38.35
N PHE B 168 -4.14 -2.41 38.71
CA PHE B 168 -3.79 -1.00 38.86
C PHE B 168 -3.97 -0.61 40.35
N ASN B 169 -2.86 -0.31 41.01
CA ASN B 169 -2.90 0.27 42.33
C ASN B 169 -2.67 1.76 42.23
N PHE B 170 -3.64 2.53 42.70
CA PHE B 170 -3.57 4.00 42.78
C PHE B 170 -3.27 4.38 44.24
N SER B 171 -2.30 5.25 44.42
CA SER B 171 -1.88 5.64 45.76
C SER B 171 -1.35 7.08 45.75
N TRP B 172 -1.35 7.70 46.91
CA TRP B 172 -0.87 9.07 47.03
C TRP B 172 -0.34 9.34 48.41
N SER B 173 0.52 10.37 48.48
CA SER B 173 1.17 10.82 49.71
C SER B 173 0.51 12.09 50.26
N LYS B 174 0.04 12.94 49.38
CA LYS B 174 -0.47 14.21 49.83
C LYS B 174 -1.77 14.10 50.63
N THR B 175 -1.95 15.06 51.53
CA THR B 175 -3.18 15.17 52.28
C THR B 175 -4.18 15.93 51.43
N TYR B 176 -4.98 15.21 50.65
CA TYR B 176 -5.92 15.87 49.75
C TYR B 176 -7.18 16.31 50.48
N GLU B 177 -7.67 17.51 50.16
CA GLU B 177 -8.81 18.06 50.89
C GLU B 177 -9.95 18.32 49.91
N ASN B 178 -10.89 17.38 49.90
CA ASN B 178 -11.99 17.36 48.94
C ASN B 178 -11.57 17.41 47.48
N VAL B 179 -10.73 16.46 47.10
CA VAL B 179 -10.26 16.39 45.75
C VAL B 179 -10.96 15.22 45.05
N GLU B 180 -11.61 15.53 43.95
CA GLU B 180 -12.31 14.54 43.15
C GLU B 180 -11.30 13.66 42.42
N PHE B 181 -11.48 12.33 42.52
CA PHE B 181 -10.53 11.39 41.98
C PHE B 181 -10.87 11.08 40.52
N GLU B 182 -10.34 11.90 39.63
CA GLU B 182 -10.44 11.73 38.18
C GLU B 182 -9.12 12.21 37.59
N THR B 183 -8.55 11.44 36.67
CA THR B 183 -7.11 11.51 36.40
C THR B 183 -6.77 11.91 34.98
N THR B 184 -5.56 12.41 34.82
CA THR B 184 -4.92 12.51 33.50
C THR B 184 -4.65 11.12 32.96
N SER B 185 -4.17 11.03 31.71
CA SER B 185 -3.91 9.72 31.11
C SER B 185 -2.44 9.31 31.19
N PHE B 186 -2.21 8.00 31.16
CA PHE B 186 -0.89 7.39 31.23
C PHE B 186 -0.79 6.31 30.15
N THR B 187 0.35 6.29 29.45
CA THR B 187 0.63 5.29 28.43
C THR B 187 1.79 4.39 28.89
N PHE B 188 1.60 3.10 28.74
CA PHE B 188 2.66 2.11 28.97
C PHE B 188 2.55 1.02 27.90
N SER B 189 3.43 0.05 28.00
CA SER B 189 3.32 -1.15 27.21
C SER B 189 3.74 -2.36 28.02
N TYR B 190 3.45 -3.54 27.46
CA TYR B 190 3.92 -4.80 28.00
C TYR B 190 4.07 -5.83 26.90
N ILE B 191 4.85 -6.88 27.19
CA ILE B 191 5.14 -7.99 26.27
C ILE B 191 3.91 -8.90 26.20
N ALA B 192 3.46 -9.22 24.99
CA ALA B 192 2.26 -10.02 24.74
C ALA B 192 2.57 -11.50 24.82
N GLN B 193 1.57 -12.28 25.23
CA GLN B 193 1.71 -13.73 25.38
C GLN B 193 1.98 -14.42 24.05
N GLU B 194 1.31 -13.96 22.99
CA GLU B 194 1.54 -14.48 21.65
C GLU B 194 1.33 -13.45 20.55
N ARG C 13 0.85 6.02 7.38
CA ARG C 13 1.01 5.59 8.80
C ARG C 13 1.78 6.60 9.68
N THR C 14 2.67 7.42 9.11
CA THR C 14 3.37 8.47 9.92
C THR C 14 3.22 9.91 9.39
N LEU C 15 2.64 10.77 10.24
CA LEU C 15 2.57 12.22 10.11
C LEU C 15 3.66 12.85 10.97
N TRP C 16 4.47 13.71 10.37
CA TRP C 16 5.61 14.25 11.08
C TRP C 16 6.13 15.56 10.58
N THR C 17 7.06 16.16 11.32
N THR C 17 7.06 16.12 11.34
CA THR C 17 7.70 17.43 10.95
CA THR C 17 7.71 17.39 11.04
C THR C 17 8.99 17.24 10.17
C THR C 17 8.98 17.23 10.22
N THR C 18 9.33 15.98 9.87
CA THR C 18 10.66 15.62 9.38
CA THR C 18 10.67 15.60 9.39
C THR C 18 11.61 15.68 10.59
N PRO C 19 12.73 14.90 10.56
CA PRO C 19 13.57 14.92 11.74
C PRO C 19 14.80 15.80 11.66
N ASP C 20 14.90 16.68 10.67
CA ASP C 20 16.08 17.54 10.57
C ASP C 20 16.00 18.59 11.67
N THR C 21 16.93 19.55 11.68
CA THR C 21 16.93 20.59 12.70
C THR C 21 16.60 21.99 12.12
N SER C 22 16.06 22.05 10.92
CA SER C 22 15.69 23.35 10.37
C SER C 22 14.44 23.89 11.11
N PRO C 23 14.51 25.15 11.56
CA PRO C 23 13.40 25.71 12.35
C PRO C 23 12.05 25.67 11.62
N ASN C 24 10.99 25.30 12.35
CA ASN C 24 9.66 25.10 11.78
C ASN C 24 8.55 25.63 12.65
N CYS C 25 8.90 26.32 13.74
CA CYS C 25 7.95 26.66 14.78
C CYS C 25 8.22 28.08 15.29
N THR C 26 7.14 28.78 15.62
CA THR C 26 7.19 30.16 16.03
C THR C 26 6.57 30.28 17.41
N ILE C 27 7.42 30.50 18.41
CA ILE C 27 6.98 30.61 19.80
C ILE C 27 6.85 32.08 20.15
N ALA C 28 7.96 32.81 20.03
CA ALA C 28 7.98 34.20 20.34
C ALA C 28 8.34 35.04 19.12
N GLN C 29 9.17 34.49 18.22
CA GLN C 29 9.44 35.15 16.93
C GLN C 29 9.50 34.13 15.80
N ASP C 30 9.49 34.63 14.57
CA ASP C 30 9.38 33.77 13.41
C ASP C 30 10.46 32.69 13.41
N LYS C 31 10.04 31.44 13.31
CA LYS C 31 10.97 30.32 13.18
C LYS C 31 12.09 30.35 14.24
N ASP C 32 11.68 30.55 15.50
CA ASP C 32 12.65 30.56 16.59
C ASP C 32 12.96 29.16 17.15
N SER C 33 12.33 28.13 16.61
CA SER C 33 12.45 26.81 17.17
C SER C 33 12.19 25.67 16.17
N LYS C 34 12.73 24.48 16.48
CA LYS C 34 12.38 23.23 15.79
C LYS C 34 11.60 22.32 16.74
N LEU C 35 10.33 22.13 16.44
CA LEU C 35 9.51 21.13 17.09
C LEU C 35 9.66 19.85 16.27
N THR C 36 10.19 18.80 16.87
CA THR C 36 10.23 17.51 16.21
C THR C 36 9.09 16.70 16.77
N LEU C 37 8.06 16.47 15.94
CA LEU C 37 6.89 15.70 16.35
C LEU C 37 6.62 14.59 15.32
N VAL C 38 6.48 13.38 15.83
CA VAL C 38 6.22 12.19 15.04
C VAL C 38 4.98 11.50 15.60
N LEU C 39 3.97 11.36 14.71
CA LEU C 39 2.71 10.73 15.04
C LEU C 39 2.58 9.50 14.18
N THR C 40 2.63 8.34 14.81
CA THR C 40 2.52 7.09 14.10
C THR C 40 1.24 6.40 14.50
N LYS C 41 0.47 6.01 13.49
CA LYS C 41 -0.84 5.41 13.73
C LYS C 41 -0.71 3.91 13.96
N CYS C 42 -0.97 3.50 15.20
CA CYS C 42 -1.04 2.09 15.56
CA CYS C 42 -1.04 2.08 15.54
C CYS C 42 -2.50 1.74 15.80
N GLY C 43 -3.33 1.95 14.79
CA GLY C 43 -4.73 1.59 14.92
C GLY C 43 -5.53 2.61 15.71
N SER C 44 -6.12 2.13 16.80
CA SER C 44 -7.00 3.00 17.60
CA SER C 44 -6.98 2.96 17.65
C SER C 44 -6.20 4.01 18.44
N GLN C 45 -4.87 3.85 18.50
CA GLN C 45 -4.00 4.78 19.21
C GLN C 45 -2.94 5.38 18.32
N ILE C 46 -2.65 6.67 18.54
CA ILE C 46 -1.50 7.33 17.95
C ILE C 46 -0.33 7.31 18.94
N LEU C 47 0.80 6.77 18.48
CA LEU C 47 2.05 6.81 19.22
C LEU C 47 2.82 8.06 18.85
N ALA C 48 3.10 8.89 19.85
CA ALA C 48 3.66 10.21 19.60
C ALA C 48 5.03 10.36 20.25
N ASN C 49 5.95 10.97 19.52
CA ASN C 49 7.29 11.25 20.02
C ASN C 49 7.59 12.72 19.77
N VAL C 50 7.99 13.44 20.83
CA VAL C 50 8.15 14.90 20.76
C VAL C 50 9.42 15.39 21.46
N SER C 51 10.01 16.44 20.88
CA SER C 51 11.13 17.17 21.47
C SER C 51 11.16 18.56 20.88
N LEU C 52 11.93 19.44 21.51
CA LEU C 52 11.98 20.82 21.11
C LEU C 52 13.42 21.35 21.17
N ILE C 53 13.82 22.05 20.12
CA ILE C 53 15.04 22.82 20.10
C ILE C 53 14.67 24.29 19.82
N VAL C 54 14.95 25.18 20.78
CA VAL C 54 14.73 26.58 20.56
C VAL C 54 16.07 27.11 20.09
N VAL C 55 16.06 27.88 19.01
CA VAL C 55 17.32 28.29 18.37
C VAL C 55 17.60 29.77 18.51
N ALA C 56 16.56 30.57 18.78
CA ALA C 56 16.72 32.00 18.90
C ALA C 56 15.56 32.60 19.70
N GLY C 57 15.71 33.88 20.00
CA GLY C 57 14.67 34.64 20.66
C GLY C 57 14.58 34.45 22.16
N LYS C 58 13.46 34.92 22.68
CA LYS C 58 13.22 34.99 24.13
C LYS C 58 13.47 33.68 24.87
N TYR C 59 13.15 32.55 24.24
CA TYR C 59 13.21 31.24 24.91
C TYR C 59 14.49 30.43 24.63
N HIS C 60 15.43 31.01 23.89
CA HIS C 60 16.64 30.29 23.50
C HIS C 60 17.52 30.02 24.70
N ILE C 61 17.90 31.09 25.39
CA ILE C 61 18.75 30.97 26.57
C ILE C 61 17.94 31.43 27.79
N ILE C 62 17.58 30.50 28.67
CA ILE C 62 16.83 30.85 29.84
C ILE C 62 17.76 31.40 30.91
N ASN C 63 17.45 32.57 31.43
CA ASN C 63 18.14 33.12 32.60
C ASN C 63 17.15 33.78 33.56
N ASN C 64 16.75 33.01 34.57
CA ASN C 64 15.75 33.43 35.55
C ASN C 64 16.30 34.33 36.68
N LYS C 65 17.61 34.56 36.71
CA LYS C 65 18.15 35.62 37.54
C LYS C 65 17.86 36.94 36.85
N THR C 66 18.08 36.99 35.54
CA THR C 66 17.79 38.19 34.75
C THR C 66 16.30 38.42 34.56
N ASN C 67 15.58 37.36 34.23
CA ASN C 67 14.16 37.41 33.91
C ASN C 67 13.39 36.40 34.77
N PRO C 68 13.08 36.76 36.02
CA PRO C 68 12.44 35.82 36.96
C PRO C 68 11.11 35.23 36.48
N LYS C 69 10.38 35.94 35.64
CA LYS C 69 9.02 35.52 35.29
C LYS C 69 8.92 34.76 33.97
N ILE C 70 10.05 34.44 33.35
CA ILE C 70 10.02 33.58 32.15
C ILE C 70 10.09 32.12 32.61
N LYS C 71 8.91 31.49 32.79
CA LYS C 71 8.79 30.13 33.35
C LYS C 71 7.96 29.18 32.52
N SER C 72 7.34 29.65 31.43
CA SER C 72 6.53 28.78 30.62
C SER C 72 6.23 29.35 29.24
N PHE C 73 5.80 28.46 28.35
CA PHE C 73 5.34 28.87 27.03
C PHE C 73 4.54 27.74 26.39
N THR C 74 3.76 28.06 25.38
CA THR C 74 2.84 27.10 24.79
C THR C 74 2.99 27.02 23.29
N ILE C 75 2.95 25.80 22.75
CA ILE C 75 2.97 25.55 21.32
C ILE C 75 1.67 24.87 20.94
N LYS C 76 0.91 25.45 20.02
CA LYS C 76 -0.41 24.92 19.66
C LYS C 76 -0.44 24.37 18.22
N LEU C 77 -1.01 23.17 18.08
CA LEU C 77 -1.36 22.62 16.76
CA LEU C 77 -1.35 22.66 16.76
C LEU C 77 -2.88 22.62 16.66
N LEU C 78 -3.41 23.39 15.71
CA LEU C 78 -4.85 23.52 15.47
C LEU C 78 -5.18 22.82 14.16
N PHE C 79 -6.27 22.05 14.15
CA PHE C 79 -6.68 21.26 12.97
C PHE C 79 -8.14 21.51 12.62
N ASN C 80 -8.46 21.44 11.33
CA ASN C 80 -9.86 21.55 10.86
C ASN C 80 -10.54 20.16 10.77
N LYS C 81 -11.78 20.14 10.28
CA LYS C 81 -12.54 18.88 10.18
C LYS C 81 -11.80 17.76 9.44
N ASN C 82 -10.85 18.12 8.57
CA ASN C 82 -10.11 17.12 7.80
C ASN C 82 -8.76 16.68 8.36
N GLY C 83 -8.39 17.17 9.52
CA GLY C 83 -7.08 16.85 10.08
C GLY C 83 -5.93 17.71 9.55
N VAL C 84 -6.27 18.72 8.74
CA VAL C 84 -5.33 19.65 8.14
C VAL C 84 -4.95 20.73 9.16
N LEU C 85 -3.66 21.02 9.28
CA LEU C 85 -3.17 22.01 10.24
C LEU C 85 -3.61 23.42 9.82
N LEU C 86 -4.16 24.20 10.75
CA LEU C 86 -4.55 25.58 10.44
C LEU C 86 -3.30 26.45 10.61
N ASP C 87 -3.26 27.56 9.87
CA ASP C 87 -2.02 28.33 9.76
C ASP C 87 -1.74 29.23 10.95
N ASN C 88 -2.71 29.38 11.85
CA ASN C 88 -2.48 30.05 13.14
C ASN C 88 -1.89 29.12 14.21
N SER C 89 -1.56 27.89 13.84
CA SER C 89 -0.75 27.04 14.68
C SER C 89 0.67 27.61 14.85
N ASN C 90 1.35 27.31 15.95
CA ASN C 90 2.75 27.74 16.13
C ASN C 90 3.70 27.04 15.14
N LEU C 91 3.37 25.79 14.83
CA LEU C 91 4.08 25.00 13.82
C LEU C 91 3.66 25.43 12.42
N GLY C 92 4.63 25.62 11.52
CA GLY C 92 4.37 25.95 10.10
C GLY C 92 3.85 24.75 9.29
N LYS C 93 2.99 25.03 8.32
CA LYS C 93 2.36 23.96 7.52
C LYS C 93 3.29 23.36 6.49
N ALA C 94 4.28 24.11 6.03
CA ALA C 94 5.22 23.64 4.97
C ALA C 94 5.95 22.35 5.37
N TYR C 95 6.10 22.18 6.67
CA TYR C 95 6.97 21.21 7.31
C TYR C 95 6.24 19.94 7.78
N TRP C 96 4.91 20.02 7.81
CA TRP C 96 4.07 19.05 8.48
C TRP C 96 3.33 18.24 7.45
N ASN C 97 3.69 16.96 7.35
CA ASN C 97 3.17 16.09 6.30
C ASN C 97 3.49 14.58 6.55
N PHE C 98 2.86 13.72 5.75
CA PHE C 98 3.14 12.28 5.80
C PHE C 98 4.56 12.01 5.35
N ARG C 99 5.19 11.04 5.99
CA ARG C 99 6.60 10.75 5.79
C ARG C 99 6.82 10.13 4.43
N SER C 100 7.93 10.50 3.80
CA SER C 100 8.51 9.76 2.69
C SER C 100 10.02 9.88 2.90
N GLY C 101 10.67 8.76 3.22
CA GLY C 101 12.09 8.77 3.60
C GLY C 101 12.33 9.62 4.83
N ASN C 102 13.34 10.48 4.79
CA ASN C 102 13.55 11.45 5.85
C ASN C 102 12.92 12.82 5.58
N SER C 103 12.09 12.90 4.54
CA SER C 103 11.38 14.12 4.19
C SER C 103 9.90 13.80 4.19
N ASN C 104 9.17 14.50 3.33
CA ASN C 104 7.74 14.45 3.29
C ASN C 104 7.23 14.11 1.91
N VAL C 105 5.99 13.66 1.84
CA VAL C 105 5.30 13.52 0.55
C VAL C 105 5.35 14.86 -0.19
N SER C 106 5.55 14.81 -1.51
CA SER C 106 5.72 16.01 -2.31
C SER C 106 4.56 17.01 -2.20
N THR C 107 3.33 16.51 -2.08
CA THR C 107 2.12 17.33 -2.03
C THR C 107 1.58 17.43 -0.61
N ALA C 108 0.90 18.52 -0.27
CA ALA C 108 0.28 18.67 1.05
C ALA C 108 -0.88 17.70 1.22
N TYR C 109 -1.01 17.10 2.39
CA TYR C 109 -2.07 16.12 2.61
C TYR C 109 -3.43 16.79 2.68
N GLU C 110 -4.46 16.08 2.23
CA GLU C 110 -5.86 16.56 2.27
CA GLU C 110 -5.81 16.62 2.34
C GLU C 110 -6.61 15.95 3.46
N LYS C 111 -6.18 14.78 3.92
CA LYS C 111 -6.90 14.10 4.99
C LYS C 111 -6.00 13.38 5.98
N ALA C 112 -6.29 13.56 7.27
CA ALA C 112 -5.64 12.78 8.31
C ALA C 112 -6.52 12.65 9.57
N ILE C 113 -7.82 12.50 9.38
CA ILE C 113 -8.74 12.39 10.52
C ILE C 113 -8.39 11.23 11.45
N GLY C 114 -7.80 10.16 10.90
CA GLY C 114 -7.34 9.04 11.73
C GLY C 114 -6.18 9.35 12.64
N PHE C 115 -5.56 10.53 12.47
CA PHE C 115 -4.50 10.97 13.36
C PHE C 115 -4.98 11.97 14.39
N MET C 116 -6.27 12.33 14.36
CA MET C 116 -6.77 13.36 15.26
C MET C 116 -7.16 12.76 16.62
N PRO C 117 -7.06 13.56 17.69
CA PRO C 117 -7.47 13.09 19.01
C PRO C 117 -8.97 12.86 19.08
N ASN C 118 -9.37 11.66 19.51
CA ASN C 118 -10.76 11.26 19.63
C ASN C 118 -11.65 12.23 20.44
N LEU C 119 -12.77 12.64 19.83
CA LEU C 119 -13.62 13.69 20.38
C LEU C 119 -14.57 13.23 21.48
N VAL C 120 -14.81 11.93 21.58
CA VAL C 120 -15.56 11.36 22.72
C VAL C 120 -14.61 11.18 23.89
N ALA C 121 -13.40 10.70 23.63
CA ALA C 121 -12.40 10.64 24.69
C ALA C 121 -12.07 12.03 25.21
N TYR C 122 -11.98 13.00 24.28
CA TYR C 122 -11.39 14.31 24.56
C TYR C 122 -12.27 15.40 23.96
N PRO C 123 -13.40 15.71 24.62
CA PRO C 123 -14.34 16.66 24.00
C PRO C 123 -13.82 18.09 24.01
N LYS C 124 -14.32 18.89 23.07
CA LYS C 124 -14.07 20.33 23.04
C LYS C 124 -14.66 21.00 24.28
N PRO C 125 -14.25 22.25 24.57
CA PRO C 125 -14.86 22.94 25.71
C PRO C 125 -16.39 22.91 25.69
N SER C 126 -16.99 22.64 26.86
CA SER C 126 -18.43 22.48 26.99
C SER C 126 -18.98 23.11 28.28
N ASN C 127 -20.29 22.96 28.46
CA ASN C 127 -20.97 23.35 29.69
C ASN C 127 -21.40 22.11 30.49
N SER C 128 -20.52 21.12 30.45
CA SER C 128 -20.66 19.90 31.23
CA SER C 128 -20.66 19.90 31.23
C SER C 128 -19.35 19.68 31.94
N LYS C 129 -19.27 18.61 32.73
CA LYS C 129 -18.08 18.36 33.51
C LYS C 129 -16.85 18.13 32.61
N LYS C 130 -15.76 18.82 32.93
CA LYS C 130 -14.55 18.71 32.15
C LYS C 130 -13.63 17.74 32.88
N TYR C 131 -13.27 16.66 32.21
CA TYR C 131 -12.45 15.62 32.78
C TYR C 131 -10.97 15.79 32.42
N ALA C 132 -10.10 15.33 33.32
CA ALA C 132 -8.66 15.47 33.16
C ALA C 132 -8.07 14.47 32.15
N ARG C 133 -8.85 13.53 31.63
CA ARG C 133 -8.23 12.50 30.76
C ARG C 133 -7.65 12.98 29.43
N ASP C 134 -8.02 14.20 29.05
CA ASP C 134 -7.47 14.85 27.87
C ASP C 134 -6.13 15.54 28.07
N ILE C 135 -5.49 15.33 29.20
CA ILE C 135 -4.15 15.85 29.49
C ILE C 135 -3.17 14.68 29.72
N VAL C 136 -1.96 14.82 29.20
CA VAL C 136 -0.83 13.93 29.57
C VAL C 136 0.28 14.84 30.05
N TYR C 137 0.84 14.51 31.23
CA TYR C 137 2.04 15.17 31.75
C TYR C 137 3.26 14.28 31.58
N GLY C 138 4.38 14.90 31.26
CA GLY C 138 5.69 14.26 31.31
C GLY C 138 6.78 15.26 31.72
N THR C 139 7.95 14.74 32.03
CA THR C 139 9.11 15.55 32.31
C THR C 139 10.21 15.31 31.26
N ILE C 140 10.74 16.39 30.70
CA ILE C 140 11.95 16.31 29.90
C ILE C 140 13.09 17.14 30.53
N TYR C 141 14.27 17.08 29.92
CA TYR C 141 15.49 17.59 30.56
C TYR C 141 16.22 18.49 29.58
N LEU C 142 16.53 19.70 30.03
CA LEU C 142 17.16 20.70 29.18
C LEU C 142 18.66 20.41 29.06
N GLY C 143 19.16 20.39 27.84
CA GLY C 143 20.54 20.00 27.55
C GLY C 143 20.88 18.56 27.87
N GLY C 144 19.86 17.73 28.07
CA GLY C 144 20.07 16.37 28.51
C GLY C 144 20.66 16.19 29.90
N LYS C 145 20.63 17.25 30.71
CA LYS C 145 21.23 17.24 32.05
C LYS C 145 20.18 16.80 33.07
N PRO C 146 20.49 15.80 33.89
CA PRO C 146 19.43 15.27 34.75
C PRO C 146 18.94 16.24 35.83
N ASP C 147 19.68 17.31 36.11
CA ASP C 147 19.26 18.29 37.12
C ASP C 147 18.59 19.54 36.50
N GLN C 148 18.19 19.44 35.23
CA GLN C 148 17.45 20.50 34.54
C GLN C 148 16.08 20.02 33.98
N PRO C 149 15.18 19.54 34.85
CA PRO C 149 13.86 19.15 34.39
C PRO C 149 12.99 20.34 33.96
N ALA C 150 12.09 20.05 33.03
CA ALA C 150 10.97 20.92 32.74
C ALA C 150 9.76 20.03 32.45
N VAL C 151 8.57 20.54 32.73
CA VAL C 151 7.36 19.78 32.56
C VAL C 151 6.84 20.03 31.15
N ILE C 152 6.42 18.96 30.50
CA ILE C 152 5.70 19.07 29.23
C ILE C 152 4.27 18.55 29.46
N LYS C 153 3.32 19.47 29.36
CA LYS C 153 1.93 19.16 29.54
C LYS C 153 1.27 19.17 28.16
N THR C 154 0.73 18.02 27.78
CA THR C 154 0.07 17.88 26.48
C THR C 154 -1.45 17.81 26.67
N THR C 155 -2.20 18.63 25.93
CA THR C 155 -3.64 18.71 26.06
C THR C 155 -4.31 18.50 24.72
N PHE C 156 -5.35 17.68 24.72
CA PHE C 156 -6.14 17.36 23.51
C PHE C 156 -7.49 18.05 23.44
N ASN C 157 -7.73 18.71 22.30
CA ASN C 157 -9.02 19.25 21.87
C ASN C 157 -9.59 20.32 22.79
N GLN C 158 -8.72 21.16 23.36
CA GLN C 158 -9.21 22.18 24.28
C GLN C 158 -9.03 23.60 23.76
N GLU C 159 -8.56 23.74 22.52
CA GLU C 159 -8.51 25.04 21.85
C GLU C 159 -9.81 25.33 21.09
N THR C 160 -10.14 26.61 20.94
CA THR C 160 -11.34 27.02 20.19
C THR C 160 -10.98 27.46 18.76
N GLY C 161 -11.98 27.60 17.89
CA GLY C 161 -11.74 27.93 16.47
C GLY C 161 -10.99 26.84 15.72
N CYS C 162 -11.32 25.59 16.02
CA CYS C 162 -10.73 24.45 15.33
C CYS C 162 -11.60 23.22 15.58
N GLU C 163 -11.38 22.15 14.84
CA GLU C 163 -12.15 20.95 15.10
C GLU C 163 -11.38 20.10 16.09
N TYR C 164 -10.05 20.09 15.98
CA TYR C 164 -9.19 19.35 16.87
C TYR C 164 -7.99 20.21 17.22
N SER C 165 -7.38 19.92 18.36
CA SER C 165 -6.13 20.58 18.78
C SER C 165 -5.23 19.65 19.55
N ILE C 166 -3.92 19.88 19.42
CA ILE C 166 -2.91 19.31 20.28
C ILE C 166 -2.06 20.49 20.78
N THR C 167 -1.91 20.62 22.09
CA THR C 167 -1.11 21.72 22.64
CA THR C 167 -1.20 21.75 22.72
C THR C 167 -0.10 21.22 23.64
N PHE C 168 1.09 21.83 23.55
CA PHE C 168 2.19 21.46 24.43
C PHE C 168 2.50 22.69 25.25
N ASN C 169 2.33 22.61 26.57
CA ASN C 169 2.80 23.67 27.46
C ASN C 169 4.12 23.21 28.11
N PHE C 170 5.16 24.02 27.94
CA PHE C 170 6.44 23.75 28.59
C PHE C 170 6.55 24.73 29.74
N SER C 171 6.93 24.21 30.90
CA SER C 171 7.15 25.03 32.10
C SER C 171 8.21 24.47 33.01
N TRP C 172 8.74 25.32 33.90
CA TRP C 172 9.72 24.88 34.89
C TRP C 172 9.66 25.72 36.14
N SER C 173 10.21 25.19 37.22
CA SER C 173 10.13 25.87 38.50
C SER C 173 11.49 26.25 39.05
N LYS C 174 12.55 25.60 38.60
CA LYS C 174 13.89 25.98 39.03
C LYS C 174 14.32 27.31 38.43
N THR C 175 15.24 27.99 39.10
CA THR C 175 15.85 29.23 38.62
C THR C 175 17.06 28.93 37.73
N TYR C 176 16.80 28.70 36.45
CA TYR C 176 17.88 28.37 35.54
C TYR C 176 18.69 29.60 35.15
N GLU C 177 20.00 29.44 35.07
CA GLU C 177 20.90 30.52 34.70
C GLU C 177 21.68 30.16 33.42
N ASN C 178 21.38 30.85 32.33
CA ASN C 178 21.99 30.54 31.02
C ASN C 178 21.84 29.09 30.55
N VAL C 179 20.62 28.61 30.57
CA VAL C 179 20.32 27.28 30.13
C VAL C 179 19.59 27.30 28.78
N GLU C 180 20.15 26.59 27.81
CA GLU C 180 19.58 26.58 26.47
C GLU C 180 18.34 25.71 26.45
N PHE C 181 17.25 26.19 25.86
CA PHE C 181 16.03 25.39 25.89
C PHE C 181 16.06 24.38 24.73
N GLU C 182 16.70 23.24 24.95
CA GLU C 182 16.64 22.18 23.98
C GLU C 182 16.50 20.89 24.77
N THR C 183 15.47 20.11 24.45
CA THR C 183 15.00 19.09 25.36
C THR C 183 15.38 17.67 24.96
N THR C 184 15.33 16.78 25.93
CA THR C 184 15.30 15.37 25.64
C THR C 184 13.92 15.04 25.02
N SER C 185 13.77 13.78 24.57
CA SER C 185 12.52 13.33 23.91
C SER C 185 11.52 12.67 24.89
N PHE C 186 10.23 12.82 24.58
CA PHE C 186 9.13 12.29 25.36
C PHE C 186 8.19 11.54 24.41
N THR C 187 7.74 10.38 24.84
CA THR C 187 6.79 9.58 24.07
C THR C 187 5.49 9.44 24.87
N PHE C 188 4.37 9.56 24.16
CA PHE C 188 3.06 9.38 24.75
C PHE C 188 2.13 8.82 23.66
N SER C 189 0.88 8.56 24.03
CA SER C 189 -0.11 8.10 23.05
C SER C 189 -1.43 8.75 23.33
N TYR C 190 -2.36 8.60 22.39
CA TYR C 190 -3.71 9.11 22.56
C TYR C 190 -4.63 8.37 21.64
N ILE C 191 -5.90 8.36 22.03
CA ILE C 191 -6.92 7.62 21.31
C ILE C 191 -7.29 8.39 20.04
N ALA C 192 -7.33 7.68 18.93
CA ALA C 192 -7.59 8.27 17.61
C ALA C 192 -9.10 8.43 17.32
N GLN C 193 -9.43 9.46 16.53
CA GLN C 193 -10.79 9.80 16.21
C GLN C 193 -11.43 8.70 15.37
N GLU C 194 -10.67 8.14 14.44
CA GLU C 194 -11.16 6.99 13.70
C GLU C 194 -10.03 6.03 13.35
N TYR D 10 12.21 -26.19 -22.74
CA TYR D 10 11.65 -25.43 -23.90
C TYR D 10 10.33 -24.78 -23.53
N ASP D 11 9.71 -24.16 -24.53
CA ASP D 11 8.39 -23.54 -24.42
C ASP D 11 7.74 -23.62 -25.81
N THR D 12 6.91 -24.66 -26.02
CA THR D 12 6.30 -24.96 -27.33
C THR D 12 5.15 -24.02 -27.66
N ARG D 13 4.88 -23.07 -26.76
CA ARG D 13 3.77 -22.16 -26.87
C ARG D 13 4.21 -20.77 -27.38
N THR D 14 5.52 -20.51 -27.47
CA THR D 14 6.00 -19.19 -27.89
C THR D 14 7.04 -19.21 -29.00
N LEU D 15 6.71 -18.49 -30.08
CA LEU D 15 7.60 -18.27 -31.21
C LEU D 15 8.02 -16.81 -31.17
N TRP D 16 9.32 -16.53 -31.15
CA TRP D 16 9.77 -15.14 -31.06
C TRP D 16 11.13 -14.83 -31.69
N THR D 17 11.47 -13.56 -31.63
CA THR D 17 12.73 -13.04 -32.15
C THR D 17 13.83 -12.97 -31.11
N THR D 18 13.52 -13.40 -29.88
CA THR D 18 14.27 -13.09 -28.63
C THR D 18 14.09 -11.60 -28.26
N PRO D 19 14.26 -11.25 -26.98
CA PRO D 19 14.00 -9.90 -26.52
C PRO D 19 15.19 -8.91 -26.53
N ASP D 20 16.36 -9.32 -27.00
CA ASP D 20 17.52 -8.40 -27.00
C ASP D 20 17.36 -7.37 -28.12
N THR D 21 18.33 -6.47 -28.28
CA THR D 21 18.25 -5.41 -29.29
C THR D 21 19.15 -5.62 -30.51
N SER D 22 19.76 -6.80 -30.65
CA SER D 22 20.64 -7.04 -31.78
C SER D 22 19.80 -7.07 -33.08
N PRO D 23 20.23 -6.32 -34.10
CA PRO D 23 19.38 -6.24 -35.29
C PRO D 23 19.18 -7.59 -35.95
N ASN D 24 17.95 -7.82 -36.41
CA ASN D 24 17.51 -9.08 -37.00
C ASN D 24 16.70 -8.89 -38.28
N CYS D 25 16.64 -7.67 -38.79
CA CYS D 25 15.68 -7.29 -39.80
C CYS D 25 16.33 -6.34 -40.81
N THR D 26 15.94 -6.51 -42.08
CA THR D 26 16.46 -5.75 -43.21
C THR D 26 15.30 -5.05 -43.91
N ILE D 27 15.13 -3.76 -43.62
CA ILE D 27 14.07 -2.99 -44.29
C ILE D 27 14.61 -2.41 -45.60
N ALA D 28 15.65 -1.61 -45.51
CA ALA D 28 16.27 -1.01 -46.70
C ALA D 28 17.70 -1.46 -46.86
N GLN D 29 18.37 -1.78 -45.77
CA GLN D 29 19.71 -2.33 -45.85
C GLN D 29 19.91 -3.40 -44.77
N ASP D 30 20.95 -4.20 -44.97
CA ASP D 30 21.18 -5.41 -44.16
C ASP D 30 21.25 -5.11 -42.67
N LYS D 31 20.39 -5.78 -41.90
CA LYS D 31 20.37 -5.69 -40.46
C LYS D 31 20.25 -4.24 -39.99
N ASP D 32 19.36 -3.47 -40.60
CA ASP D 32 19.18 -2.08 -40.21
C ASP D 32 18.19 -1.88 -39.07
N SER D 33 17.66 -2.97 -38.51
CA SER D 33 16.60 -2.86 -37.53
C SER D 33 16.45 -4.10 -36.66
N LYS D 34 15.83 -3.90 -35.49
CA LYS D 34 15.40 -4.96 -34.58
C LYS D 34 13.89 -4.93 -34.50
N LEU D 35 13.29 -5.94 -35.13
CA LEU D 35 11.88 -6.22 -34.96
C LEU D 35 11.78 -7.20 -33.79
N THR D 36 11.11 -6.78 -32.70
CA THR D 36 10.86 -7.61 -31.54
C THR D 36 9.42 -8.07 -31.66
N LEU D 37 9.24 -9.36 -31.91
CA LEU D 37 7.93 -9.94 -32.13
C LEU D 37 7.81 -11.22 -31.30
N VAL D 38 6.73 -11.30 -30.52
CA VAL D 38 6.49 -12.47 -29.69
C VAL D 38 5.09 -12.99 -30.03
N LEU D 39 4.99 -14.24 -30.45
CA LEU D 39 3.73 -14.89 -30.83
C LEU D 39 3.50 -16.00 -29.85
N THR D 40 2.46 -15.87 -29.03
CA THR D 40 2.15 -16.87 -28.03
C THR D 40 0.83 -17.53 -28.41
N LYS D 41 0.79 -18.87 -28.41
CA LYS D 41 -0.38 -19.58 -28.84
C LYS D 41 -1.33 -19.79 -27.68
N CYS D 42 -2.50 -19.14 -27.74
CA CYS D 42 -3.56 -19.33 -26.77
CA CYS D 42 -3.56 -19.38 -26.77
C CYS D 42 -4.73 -20.09 -27.46
N GLY D 43 -4.52 -21.35 -27.83
CA GLY D 43 -5.54 -22.13 -28.54
C GLY D 43 -5.83 -21.57 -29.92
N SER D 44 -7.08 -21.18 -30.14
CA SER D 44 -7.46 -20.76 -31.50
CA SER D 44 -7.58 -20.70 -31.43
C SER D 44 -7.05 -19.33 -31.85
N GLN D 45 -6.45 -18.61 -30.89
CA GLN D 45 -5.85 -17.32 -31.18
C GLN D 45 -4.38 -17.26 -30.83
N ILE D 46 -3.66 -16.51 -31.65
CA ILE D 46 -2.30 -16.09 -31.36
C ILE D 46 -2.28 -14.69 -30.79
N LEU D 47 -1.75 -14.57 -29.56
CA LEU D 47 -1.54 -13.29 -28.89
C LEU D 47 -0.17 -12.79 -29.36
N ALA D 48 -0.18 -11.61 -29.97
CA ALA D 48 1.02 -11.02 -30.56
C ALA D 48 1.43 -9.71 -29.92
N ASN D 49 2.74 -9.56 -29.72
CA ASN D 49 3.34 -8.37 -29.15
C ASN D 49 4.51 -7.91 -30.03
N VAL D 50 4.48 -6.66 -30.51
CA VAL D 50 5.44 -6.17 -31.49
C VAL D 50 5.93 -4.77 -31.17
N SER D 51 7.21 -4.54 -31.47
CA SER D 51 7.80 -3.21 -31.47
C SER D 51 8.95 -3.19 -32.45
N LEU D 52 9.41 -1.99 -32.80
CA LEU D 52 10.50 -1.86 -33.79
C LEU D 52 11.54 -0.82 -33.36
N ILE D 53 12.82 -1.17 -33.51
CA ILE D 53 13.93 -0.25 -33.36
C ILE D 53 14.70 -0.21 -34.67
N VAL D 54 14.63 0.89 -35.41
CA VAL D 54 15.48 1.03 -36.59
C VAL D 54 16.80 1.67 -36.09
N VAL D 55 17.94 1.13 -36.53
CA VAL D 55 19.27 1.62 -36.09
C VAL D 55 20.12 2.17 -37.24
N ALA D 56 19.70 1.95 -38.48
CA ALA D 56 20.48 2.39 -39.63
C ALA D 56 19.65 2.50 -40.89
N GLY D 57 20.24 3.13 -41.91
CA GLY D 57 19.62 3.23 -43.20
C GLY D 57 18.58 4.33 -43.33
N LYS D 58 17.88 4.27 -44.44
CA LYS D 58 16.88 5.25 -44.86
C LYS D 58 15.78 5.55 -43.81
N TYR D 59 15.36 4.54 -43.05
CA TYR D 59 14.21 4.71 -42.09
C TYR D 59 14.61 4.91 -40.60
N HIS D 60 15.89 5.17 -40.34
CA HIS D 60 16.40 5.36 -38.98
C HIS D 60 16.07 6.74 -38.40
N ILE D 61 16.55 7.78 -39.06
CA ILE D 61 16.23 9.17 -38.69
C ILE D 61 15.32 9.77 -39.77
N ILE D 62 14.05 9.97 -39.42
CA ILE D 62 13.06 10.52 -40.33
C ILE D 62 13.22 12.03 -40.40
N ASN D 63 13.40 12.56 -41.59
CA ASN D 63 13.25 14.02 -41.79
C ASN D 63 12.35 14.25 -42.97
N ASN D 64 11.11 14.61 -42.67
CA ASN D 64 10.09 14.88 -43.66
C ASN D 64 10.10 16.32 -44.14
N LYS D 65 11.05 17.10 -43.65
CA LYS D 65 11.36 18.40 -44.20
C LYS D 65 12.19 18.24 -45.46
N THR D 66 13.27 17.47 -45.32
CA THR D 66 14.17 17.20 -46.44
C THR D 66 13.59 16.09 -47.35
N ASN D 67 12.93 15.12 -46.76
CA ASN D 67 12.30 14.03 -47.52
C ASN D 67 10.83 13.90 -47.22
N PRO D 68 10.01 14.83 -47.76
CA PRO D 68 8.58 14.78 -47.43
C PRO D 68 7.83 13.56 -47.93
N LYS D 69 8.39 12.81 -48.88
CA LYS D 69 7.69 11.64 -49.45
C LYS D 69 8.00 10.33 -48.73
N ILE D 70 9.02 10.32 -47.89
CA ILE D 70 9.32 9.18 -47.00
C ILE D 70 8.34 9.11 -45.83
N LYS D 71 7.20 8.42 -46.04
CA LYS D 71 6.12 8.37 -45.05
C LYS D 71 5.64 6.97 -44.63
N SER D 72 6.30 5.93 -45.11
CA SER D 72 5.90 4.58 -44.79
C SER D 72 6.96 3.57 -45.22
N PHE D 73 6.91 2.39 -44.62
CA PHE D 73 7.74 1.26 -45.04
C PHE D 73 7.10 -0.03 -44.56
N THR D 74 7.56 -1.15 -45.13
CA THR D 74 6.94 -2.45 -44.89
C THR D 74 7.93 -3.52 -44.47
N ILE D 75 7.55 -4.34 -43.48
CA ILE D 75 8.35 -5.48 -43.04
C ILE D 75 7.48 -6.72 -43.22
N LYS D 76 7.94 -7.67 -44.05
CA LYS D 76 7.15 -8.84 -44.39
C LYS D 76 7.77 -10.08 -43.78
N LEU D 77 6.92 -10.89 -43.15
CA LEU D 77 7.22 -12.26 -42.76
C LEU D 77 6.43 -13.24 -43.67
N LEU D 78 7.15 -14.02 -44.45
CA LEU D 78 6.59 -14.99 -45.38
C LEU D 78 6.87 -16.39 -44.85
N PHE D 79 5.85 -17.25 -44.84
CA PHE D 79 6.00 -18.61 -44.32
C PHE D 79 5.59 -19.66 -45.35
N ASN D 80 6.28 -20.80 -45.35
CA ASN D 80 5.89 -21.91 -46.22
C ASN D 80 4.76 -22.74 -45.57
N LYS D 81 4.40 -23.85 -46.22
CA LYS D 81 3.26 -24.66 -45.76
C LYS D 81 3.45 -25.25 -44.36
N ASN D 82 4.69 -25.32 -43.87
CA ASN D 82 4.96 -25.80 -42.50
C ASN D 82 5.11 -24.70 -41.44
N GLY D 83 4.90 -23.44 -41.84
CA GLY D 83 5.04 -22.30 -40.94
C GLY D 83 6.49 -21.88 -40.71
N VAL D 84 7.38 -22.36 -41.56
CA VAL D 84 8.79 -21.99 -41.53
C VAL D 84 8.96 -20.70 -42.34
N LEU D 85 9.74 -19.79 -41.77
CA LEU D 85 9.99 -18.49 -42.34
C LEU D 85 10.87 -18.57 -43.59
N LEU D 86 10.45 -17.89 -44.66
CA LEU D 86 11.20 -17.89 -45.91
C LEU D 86 12.32 -16.81 -45.95
N ASP D 87 13.43 -17.17 -46.59
CA ASP D 87 14.61 -16.33 -46.89
C ASP D 87 14.37 -14.88 -47.28
N ASN D 88 13.34 -14.65 -48.08
CA ASN D 88 13.12 -13.32 -48.63
C ASN D 88 12.25 -12.45 -47.73
N SER D 89 11.87 -12.99 -46.56
CA SER D 89 11.27 -12.17 -45.52
C SER D 89 12.24 -11.08 -45.10
N ASN D 90 11.72 -9.95 -44.63
CA ASN D 90 12.59 -8.91 -44.09
C ASN D 90 13.25 -9.35 -42.78
N LEU D 91 12.49 -10.08 -41.97
CA LEU D 91 13.04 -10.69 -40.73
C LEU D 91 14.01 -11.83 -41.09
N GLY D 92 15.20 -11.83 -40.51
CA GLY D 92 16.12 -12.97 -40.67
C GLY D 92 15.69 -14.23 -39.92
N LYS D 93 16.05 -15.38 -40.46
CA LYS D 93 15.68 -16.70 -39.90
C LYS D 93 16.50 -17.11 -38.67
N ALA D 94 17.71 -16.55 -38.52
CA ALA D 94 18.68 -17.08 -37.54
C ALA D 94 18.17 -17.10 -36.10
N TYR D 95 17.45 -16.06 -35.69
CA TYR D 95 16.94 -16.00 -34.32
C TYR D 95 15.41 -15.87 -34.23
N TRP D 96 14.71 -16.43 -35.22
CA TRP D 96 13.27 -16.61 -35.16
C TRP D 96 12.99 -18.06 -34.88
N ASN D 97 12.47 -18.35 -33.69
CA ASN D 97 12.38 -19.73 -33.22
C ASN D 97 11.54 -19.80 -31.95
N PHE D 98 11.26 -21.02 -31.52
CA PHE D 98 10.62 -21.28 -30.24
C PHE D 98 11.52 -20.85 -29.09
N ARG D 99 10.89 -20.32 -28.04
CA ARG D 99 11.59 -19.72 -26.89
C ARG D 99 12.20 -20.79 -25.99
N SER D 100 13.36 -20.46 -25.44
CA SER D 100 13.93 -21.21 -24.35
C SER D 100 14.66 -20.20 -23.48
N GLY D 101 14.15 -19.95 -22.29
CA GLY D 101 14.71 -18.92 -21.41
C GLY D 101 14.58 -17.57 -22.07
N ASN D 102 15.63 -16.78 -22.05
CA ASN D 102 15.64 -15.55 -22.82
C ASN D 102 16.27 -15.72 -24.19
N SER D 103 16.36 -16.95 -24.66
CA SER D 103 16.97 -17.25 -25.93
C SER D 103 16.01 -18.13 -26.72
N ASN D 104 16.57 -18.98 -27.58
CA ASN D 104 15.80 -19.88 -28.43
C ASN D 104 16.22 -21.30 -28.21
N VAL D 105 15.39 -22.23 -28.68
CA VAL D 105 15.79 -23.63 -28.77
C VAL D 105 16.97 -23.75 -29.76
N SER D 106 17.76 -24.80 -29.57
CA SER D 106 19.06 -24.95 -30.25
C SER D 106 18.99 -25.24 -31.75
N THR D 107 17.92 -25.90 -32.19
CA THR D 107 17.77 -26.28 -33.59
C THR D 107 16.60 -25.51 -34.23
N ALA D 108 16.71 -25.16 -35.50
CA ALA D 108 15.64 -24.46 -36.20
C ALA D 108 14.37 -25.31 -36.23
N TYR D 109 13.22 -24.71 -35.95
CA TYR D 109 11.98 -25.47 -35.91
C TYR D 109 11.55 -25.91 -37.30
N GLU D 110 10.86 -27.03 -37.36
CA GLU D 110 10.42 -27.56 -38.64
C GLU D 110 8.93 -27.42 -38.94
N LYS D 111 8.11 -27.18 -37.92
CA LYS D 111 6.66 -27.04 -38.08
C LYS D 111 6.09 -26.07 -37.05
N ALA D 112 5.27 -25.13 -37.52
CA ALA D 112 4.57 -24.19 -36.63
C ALA D 112 3.23 -23.79 -37.24
N ILE D 113 2.48 -24.76 -37.76
CA ILE D 113 1.24 -24.45 -38.49
C ILE D 113 0.23 -23.80 -37.55
N GLY D 114 0.26 -24.22 -36.30
CA GLY D 114 -0.56 -23.66 -35.23
C GLY D 114 -0.38 -22.18 -34.94
N PHE D 115 0.73 -21.60 -35.41
CA PHE D 115 0.99 -20.18 -35.25
C PHE D 115 0.65 -19.38 -36.52
N MET D 116 0.20 -20.06 -37.57
CA MET D 116 -0.05 -19.38 -38.83
CA MET D 116 -0.06 -19.41 -38.85
C MET D 116 -1.43 -18.72 -38.85
N PRO D 117 -1.55 -17.61 -39.58
CA PRO D 117 -2.88 -17.00 -39.64
C PRO D 117 -3.83 -17.83 -40.46
N ASN D 118 -5.06 -17.95 -39.96
CA ASN D 118 -6.09 -18.86 -40.52
C ASN D 118 -6.46 -18.42 -41.94
N LEU D 119 -6.37 -19.35 -42.86
CA LEU D 119 -6.65 -19.07 -44.28
C LEU D 119 -8.14 -18.84 -44.66
N VAL D 120 -9.08 -19.36 -43.88
CA VAL D 120 -10.51 -19.08 -44.11
C VAL D 120 -10.81 -17.70 -43.55
N ALA D 121 -10.30 -17.37 -42.37
CA ALA D 121 -10.44 -16.02 -41.85
C ALA D 121 -9.76 -15.03 -42.76
N TYR D 122 -8.55 -15.38 -43.23
CA TYR D 122 -7.67 -14.45 -43.94
C TYR D 122 -7.19 -15.11 -45.26
N PRO D 123 -8.02 -15.08 -46.31
CA PRO D 123 -7.61 -15.80 -47.54
C PRO D 123 -6.49 -15.12 -48.33
N LYS D 124 -5.77 -15.92 -49.12
CA LYS D 124 -4.69 -15.44 -49.98
C LYS D 124 -5.17 -14.49 -51.06
N PRO D 125 -4.25 -13.66 -51.63
CA PRO D 125 -4.63 -12.80 -52.74
C PRO D 125 -5.41 -13.58 -53.79
N SER D 126 -6.52 -13.01 -54.25
CA SER D 126 -7.28 -13.58 -55.34
C SER D 126 -7.54 -12.45 -56.32
N ASN D 127 -8.11 -12.79 -57.48
CA ASN D 127 -8.53 -11.81 -58.46
C ASN D 127 -9.90 -11.33 -58.02
N SER D 128 -9.92 -10.29 -57.18
CA SER D 128 -11.16 -9.64 -56.71
C SER D 128 -10.93 -8.84 -55.41
N LYS D 129 -11.87 -7.95 -55.12
CA LYS D 129 -11.87 -7.26 -53.85
C LYS D 129 -12.00 -8.28 -52.69
N LYS D 130 -11.37 -7.97 -51.58
CA LYS D 130 -11.38 -8.80 -50.40
C LYS D 130 -11.71 -7.97 -49.15
N TYR D 131 -12.07 -8.67 -48.08
CA TYR D 131 -12.61 -8.08 -46.84
C TYR D 131 -11.50 -7.57 -45.94
N ALA D 132 -11.80 -6.49 -45.22
CA ALA D 132 -10.85 -5.79 -44.39
C ALA D 132 -10.50 -6.51 -43.09
N ARG D 133 -11.24 -7.56 -42.77
CA ARG D 133 -11.01 -8.21 -41.49
C ARG D 133 -9.63 -8.88 -41.40
N ASP D 134 -8.94 -9.05 -42.53
CA ASP D 134 -7.53 -9.50 -42.50
C ASP D 134 -6.51 -8.42 -42.13
N ILE D 135 -7.00 -7.26 -41.68
CA ILE D 135 -6.15 -6.16 -41.22
C ILE D 135 -6.44 -5.85 -39.76
N VAL D 136 -5.39 -5.52 -39.02
CA VAL D 136 -5.51 -4.90 -37.70
C VAL D 136 -4.69 -3.60 -37.75
N TYR D 137 -5.30 -2.51 -37.30
CA TYR D 137 -4.65 -1.22 -37.17
C TYR D 137 -4.33 -0.93 -35.70
N GLY D 138 -3.13 -0.41 -35.45
CA GLY D 138 -2.74 0.12 -34.15
C GLY D 138 -1.94 1.41 -34.30
N THR D 139 -1.74 2.09 -33.19
CA THR D 139 -0.88 3.26 -33.16
C THR D 139 0.23 3.04 -32.18
N ILE D 140 1.48 3.31 -32.58
CA ILE D 140 2.60 3.33 -31.64
C ILE D 140 3.25 4.72 -31.62
N TYR D 141 4.21 4.90 -30.71
CA TYR D 141 4.75 6.22 -30.47
C TYR D 141 6.28 6.21 -30.58
N LEU D 142 6.81 7.09 -31.45
CA LEU D 142 8.27 7.18 -31.64
C LEU D 142 8.94 7.83 -30.44
N GLY D 143 9.97 7.18 -29.93
CA GLY D 143 10.71 7.65 -28.77
C GLY D 143 9.85 7.69 -27.51
N GLY D 144 8.71 7.00 -27.53
CA GLY D 144 7.79 7.02 -26.40
C GLY D 144 7.14 8.36 -26.14
N LYS D 145 7.22 9.29 -27.09
CA LYS D 145 6.63 10.63 -26.91
C LYS D 145 5.17 10.61 -27.37
N PRO D 146 4.24 11.14 -26.54
CA PRO D 146 2.83 11.06 -26.89
C PRO D 146 2.42 11.89 -28.11
N ASP D 147 3.23 12.88 -28.50
CA ASP D 147 2.92 13.62 -29.72
C ASP D 147 3.65 13.08 -30.97
N GLN D 148 4.17 11.86 -30.89
CA GLN D 148 4.84 11.26 -32.06
C GLN D 148 4.20 9.92 -32.50
N PRO D 149 2.90 9.95 -32.87
CA PRO D 149 2.25 8.72 -33.35
C PRO D 149 2.75 8.23 -34.70
N ALA D 150 2.83 6.91 -34.86
CA ALA D 150 2.91 6.28 -36.17
C ALA D 150 1.94 5.13 -36.20
N VAL D 151 1.40 4.83 -37.38
CA VAL D 151 0.43 3.77 -37.56
C VAL D 151 1.14 2.45 -37.89
N ILE D 152 0.82 1.39 -37.15
CA ILE D 152 1.22 0.05 -37.53
C ILE D 152 0.01 -0.71 -38.08
N LYS D 153 0.06 -1.02 -39.36
CA LYS D 153 -0.98 -1.76 -40.05
C LYS D 153 -0.46 -3.16 -40.32
N THR D 154 -1.14 -4.13 -39.72
CA THR D 154 -0.77 -5.55 -39.81
C THR D 154 -1.79 -6.28 -40.67
N THR D 155 -1.31 -6.98 -41.70
CA THR D 155 -2.17 -7.66 -42.66
C THR D 155 -1.76 -9.13 -42.78
N PHE D 156 -2.75 -10.02 -42.74
CA PHE D 156 -2.55 -11.46 -42.76
C PHE D 156 -2.83 -12.04 -44.14
N ASN D 157 -1.88 -12.84 -44.59
CA ASN D 157 -2.01 -13.66 -45.79
C ASN D 157 -2.28 -12.92 -47.07
N GLN D 158 -1.63 -11.78 -47.28
CA GLN D 158 -1.83 -11.03 -48.51
C GLN D 158 -0.59 -10.94 -49.39
N GLU D 159 0.40 -11.79 -49.14
CA GLU D 159 1.61 -11.84 -49.96
C GLU D 159 1.53 -13.06 -50.84
N THR D 160 2.12 -12.97 -52.02
CA THR D 160 2.24 -14.14 -52.88
C THR D 160 3.63 -14.70 -52.64
N GLY D 161 3.89 -15.87 -53.22
CA GLY D 161 5.18 -16.55 -53.06
C GLY D 161 5.38 -17.10 -51.66
N CYS D 162 4.30 -17.56 -51.03
CA CYS D 162 4.32 -18.17 -49.70
C CYS D 162 2.95 -18.82 -49.46
N GLU D 163 2.80 -19.54 -48.36
CA GLU D 163 1.51 -20.11 -47.96
C GLU D 163 0.78 -19.23 -46.96
N TYR D 164 1.54 -18.56 -46.10
CA TYR D 164 1.02 -17.66 -45.11
C TYR D 164 1.93 -16.44 -45.02
N SER D 165 1.39 -15.31 -44.57
CA SER D 165 2.22 -14.13 -44.32
C SER D 165 1.66 -13.26 -43.24
N ILE D 166 2.58 -12.55 -42.56
CA ILE D 166 2.21 -11.46 -41.69
C ILE D 166 3.03 -10.26 -42.16
N THR D 167 2.35 -9.17 -42.54
CA THR D 167 3.08 -7.96 -42.95
CA THR D 167 2.98 -7.94 -43.04
C THR D 167 2.73 -6.79 -42.08
N PHE D 168 3.79 -6.08 -41.69
CA PHE D 168 3.72 -4.88 -40.89
C PHE D 168 4.05 -3.66 -41.78
N ASN D 169 3.09 -2.78 -41.97
CA ASN D 169 3.32 -1.50 -42.64
C ASN D 169 3.31 -0.39 -41.61
N PHE D 170 4.43 0.35 -41.52
CA PHE D 170 4.56 1.49 -40.63
C PHE D 170 4.42 2.78 -41.48
N SER D 171 3.55 3.68 -41.05
CA SER D 171 3.33 4.95 -41.74
C SER D 171 2.98 6.05 -40.77
N TRP D 172 3.08 7.28 -41.22
CA TRP D 172 2.85 8.45 -40.36
C TRP D 172 2.46 9.62 -41.19
N SER D 173 1.66 10.51 -40.63
CA SER D 173 1.24 11.69 -41.34
C SER D 173 1.90 12.98 -40.85
N LYS D 174 2.41 12.99 -39.62
CA LYS D 174 3.18 14.16 -39.15
C LYS D 174 4.47 14.34 -39.94
N THR D 175 4.89 15.60 -40.05
CA THR D 175 6.13 15.97 -40.70
C THR D 175 7.22 15.94 -39.65
N TYR D 176 7.79 14.76 -39.43
CA TYR D 176 8.82 14.59 -38.43
C TYR D 176 10.14 15.21 -38.87
N GLU D 177 10.86 15.79 -37.90
CA GLU D 177 12.14 16.43 -38.15
C GLU D 177 13.25 15.80 -37.35
N ASN D 178 14.01 14.92 -37.99
CA ASN D 178 15.09 14.20 -37.34
C ASN D 178 14.60 13.38 -36.15
N VAL D 179 13.57 12.59 -36.40
CA VAL D 179 13.00 11.72 -35.36
C VAL D 179 13.48 10.28 -35.57
N GLU D 180 14.06 9.71 -34.53
CA GLU D 180 14.61 8.36 -34.55
C GLU D 180 13.47 7.36 -34.51
N PHE D 181 13.46 6.41 -35.44
CA PHE D 181 12.33 5.50 -35.54
C PHE D 181 12.49 4.26 -34.66
N GLU D 182 12.08 4.40 -33.41
CA GLU D 182 12.08 3.33 -32.44
C GLU D 182 10.81 3.52 -31.59
N THR D 183 10.05 2.44 -31.44
CA THR D 183 8.65 2.50 -31.07
C THR D 183 8.30 1.92 -29.72
N THR D 184 7.15 2.38 -29.23
CA THR D 184 6.47 1.69 -28.15
C THR D 184 5.95 0.31 -28.63
N SER D 185 5.40 -0.47 -27.72
CA SER D 185 4.92 -1.82 -28.07
C SER D 185 3.41 -1.84 -28.32
N PHE D 186 3.00 -2.78 -29.17
CA PHE D 186 1.59 -2.98 -29.53
C PHE D 186 1.23 -4.47 -29.41
N THR D 187 0.04 -4.73 -28.87
CA THR D 187 -0.51 -6.07 -28.72
C THR D 187 -1.76 -6.24 -29.58
N PHE D 188 -1.81 -7.35 -30.28
CA PHE D 188 -2.98 -7.72 -31.05
C PHE D 188 -3.10 -9.23 -31.00
N SER D 189 -4.09 -9.76 -31.71
CA SER D 189 -4.25 -11.19 -31.88
C SER D 189 -4.81 -11.47 -33.27
N TYR D 190 -4.70 -12.72 -33.66
CA TYR D 190 -5.32 -13.22 -34.88
C TYR D 190 -5.79 -14.66 -34.72
N ILE D 191 -6.64 -15.11 -35.63
CA ILE D 191 -7.20 -16.45 -35.58
C ILE D 191 -6.17 -17.42 -36.17
N ALA D 192 -5.89 -18.50 -35.44
CA ALA D 192 -4.87 -19.50 -35.85
C ALA D 192 -5.39 -20.46 -36.91
N GLN D 193 -4.46 -20.94 -37.74
CA GLN D 193 -4.78 -21.91 -38.78
C GLN D 193 -5.25 -23.25 -38.18
N GLU D 194 -4.59 -23.71 -37.11
CA GLU D 194 -4.90 -25.00 -36.48
C GLU D 194 -4.91 -24.82 -34.97
N LYS E 9 -11.39 -22.60 -6.92
CA LYS E 9 -10.16 -22.24 -7.70
C LYS E 9 -8.98 -21.98 -6.76
N TYR E 10 -7.83 -22.53 -7.09
CA TYR E 10 -6.53 -22.02 -6.64
C TYR E 10 -5.83 -21.71 -7.95
N ASP E 11 -6.19 -20.57 -8.55
CA ASP E 11 -5.81 -20.25 -9.91
C ASP E 11 -4.46 -19.54 -9.89
N THR E 12 -3.38 -20.28 -10.11
CA THR E 12 -2.04 -19.67 -10.11
C THR E 12 -1.60 -19.16 -11.49
N ARG E 13 -2.49 -19.18 -12.48
CA ARG E 13 -2.25 -18.50 -13.77
C ARG E 13 -2.78 -17.05 -13.74
N THR E 14 -3.41 -16.66 -12.64
CA THR E 14 -3.92 -15.29 -12.49
C THR E 14 -3.50 -14.62 -11.18
N LEU E 15 -2.84 -13.48 -11.32
CA LEU E 15 -2.56 -12.55 -10.23
C LEU E 15 -3.49 -11.37 -10.42
N TRP E 16 -4.29 -11.06 -9.42
CA TRP E 16 -5.23 -9.96 -9.56
C TRP E 16 -5.57 -9.26 -8.28
N THR E 17 -6.35 -8.18 -8.42
CA THR E 17 -6.82 -7.32 -7.33
C THR E 17 -8.18 -7.74 -6.77
N THR E 18 -8.74 -8.84 -7.30
CA THR E 18 -10.18 -9.17 -7.25
C THR E 18 -11.02 -8.16 -8.06
N PRO E 19 -12.19 -8.60 -8.54
CA PRO E 19 -12.99 -7.73 -9.38
C PRO E 19 -13.99 -6.84 -8.61
N ASP E 20 -13.92 -6.81 -7.29
CA ASP E 20 -14.91 -6.08 -6.50
C ASP E 20 -14.56 -4.60 -6.59
N THR E 21 -15.41 -3.74 -6.02
CA THR E 21 -15.13 -2.29 -6.07
C THR E 21 -14.56 -1.71 -4.76
N SER E 22 -14.02 -2.56 -3.88
CA SER E 22 -13.46 -2.09 -2.62
CA SER E 22 -13.47 -2.09 -2.61
C SER E 22 -12.12 -1.37 -2.83
N PRO E 23 -12.03 -0.10 -2.40
CA PRO E 23 -10.78 0.64 -2.62
C PRO E 23 -9.54 -0.11 -2.16
N ASN E 24 -8.50 -0.11 -2.98
CA ASN E 24 -7.29 -0.84 -2.69
C ASN E 24 -6.02 -0.05 -3.03
N CYS E 25 -6.19 1.22 -3.37
CA CYS E 25 -5.12 2.03 -3.96
C CYS E 25 -5.15 3.48 -3.40
N THR E 26 -3.97 4.06 -3.25
CA THR E 26 -3.78 5.37 -2.65
C THR E 26 -3.02 6.25 -3.66
N ILE E 27 -3.74 7.17 -4.30
CA ILE E 27 -3.15 8.08 -5.28
C ILE E 27 -2.75 9.35 -4.56
N ALA E 28 -3.72 10.00 -3.93
CA ALA E 28 -3.51 11.24 -3.18
C ALA E 28 -3.94 11.15 -1.71
N GLN E 29 -4.94 10.33 -1.40
CA GLN E 29 -5.25 10.01 0.00
C GLN E 29 -5.54 8.52 0.19
N ASP E 30 -5.41 8.06 1.43
CA ASP E 30 -5.45 6.63 1.73
C ASP E 30 -6.71 6.00 1.15
N LYS E 31 -6.53 4.96 0.33
CA LYS E 31 -7.63 4.21 -0.22
C LYS E 31 -8.66 5.05 -0.98
N ASP E 32 -8.16 5.93 -1.86
CA ASP E 32 -9.04 6.86 -2.60
C ASP E 32 -9.49 6.30 -3.95
N SER E 33 -9.06 5.08 -4.24
CA SER E 33 -9.32 4.49 -5.55
C SER E 33 -9.33 2.97 -5.54
N LYS E 34 -10.02 2.39 -6.52
CA LYS E 34 -9.96 0.97 -6.86
C LYS E 34 -9.26 0.78 -8.21
N LEU E 35 -8.07 0.23 -8.14
CA LEU E 35 -7.37 -0.26 -9.34
C LEU E 35 -7.78 -1.72 -9.54
N THR E 36 -8.48 -1.99 -10.63
CA THR E 36 -8.79 -3.36 -11.00
C THR E 36 -7.76 -3.79 -12.03
N LEU E 37 -6.93 -4.74 -11.62
CA LEU E 37 -5.83 -5.22 -12.45
C LEU E 37 -5.81 -6.74 -12.43
N VAL E 38 -5.83 -7.32 -13.61
CA VAL E 38 -5.83 -8.77 -13.80
C VAL E 38 -4.70 -9.13 -14.73
N LEU E 39 -3.78 -9.96 -14.23
CA LEU E 39 -2.63 -10.41 -14.98
C LEU E 39 -2.79 -11.91 -15.17
N THR E 40 -2.97 -12.32 -16.43
CA THR E 40 -3.21 -13.73 -16.72
C THR E 40 -2.04 -14.23 -17.52
N LYS E 41 -1.43 -15.31 -17.03
CA LYS E 41 -0.22 -15.84 -17.66
C LYS E 41 -0.59 -16.74 -18.84
N CYS E 42 -0.23 -16.32 -20.04
CA CYS E 42 -0.33 -17.14 -21.23
CA CYS E 42 -0.32 -17.17 -21.22
C CYS E 42 1.11 -17.47 -21.68
N GLY E 43 1.80 -18.28 -20.89
CA GLY E 43 3.17 -18.65 -21.17
C GLY E 43 4.08 -17.45 -21.07
N SER E 44 4.75 -17.14 -22.16
CA SER E 44 5.79 -16.14 -22.17
C SER E 44 5.26 -14.71 -22.21
N GLN E 45 3.93 -14.53 -22.33
CA GLN E 45 3.30 -13.22 -22.33
C GLN E 45 2.28 -13.19 -21.23
N ILE E 46 2.16 -12.03 -20.60
CA ILE E 46 1.14 -11.76 -19.62
C ILE E 46 0.07 -10.93 -20.30
N LEU E 47 -1.17 -11.39 -20.22
CA LEU E 47 -2.31 -10.70 -20.72
C LEU E 47 -2.89 -9.87 -19.59
N ALA E 48 -2.92 -8.55 -19.79
CA ALA E 48 -3.26 -7.63 -18.72
C ALA E 48 -4.49 -6.81 -19.04
N ASN E 49 -5.32 -6.64 -18.02
CA ASN E 49 -6.58 -5.90 -18.12
C ASN E 49 -6.67 -4.96 -16.95
N VAL E 50 -6.83 -3.67 -17.23
CA VAL E 50 -6.78 -2.67 -16.17
C VAL E 50 -7.94 -1.67 -16.31
N SER E 51 -8.45 -1.21 -15.17
CA SER E 51 -9.35 -0.07 -15.09
C SER E 51 -9.11 0.63 -13.76
N LEU E 52 -9.65 1.83 -13.62
CA LEU E 52 -9.50 2.60 -12.37
C LEU E 52 -10.82 3.27 -11.99
N ILE E 53 -11.17 3.18 -10.71
CA ILE E 53 -12.26 3.94 -10.15
C ILE E 53 -11.70 4.81 -9.02
N VAL E 54 -11.71 6.14 -9.20
CA VAL E 54 -11.36 7.03 -8.10
C VAL E 54 -12.63 7.34 -7.36
N VAL E 55 -12.60 7.17 -6.04
CA VAL E 55 -13.80 7.34 -5.23
C VAL E 55 -13.77 8.61 -4.34
N ALA E 56 -12.59 9.17 -4.12
CA ALA E 56 -12.47 10.32 -3.22
C ALA E 56 -11.16 11.06 -3.44
N GLY E 57 -11.00 12.17 -2.74
CA GLY E 57 -9.80 12.97 -2.85
C GLY E 57 -9.65 13.77 -4.13
N LYS E 58 -8.44 14.24 -4.33
CA LYS E 58 -8.11 15.21 -5.35
C LYS E 58 -8.44 14.77 -6.78
N TYR E 59 -8.31 13.48 -7.07
CA TYR E 59 -8.52 12.97 -8.45
C TYR E 59 -9.92 12.42 -8.71
N HIS E 60 -10.82 12.58 -7.73
CA HIS E 60 -12.17 12.05 -7.84
C HIS E 60 -13.02 12.79 -8.83
N ILE E 61 -13.15 14.10 -8.66
CA ILE E 61 -13.93 14.94 -9.56
C ILE E 61 -12.96 15.93 -10.21
N ILE E 62 -12.72 15.79 -11.50
CA ILE E 62 -11.79 16.66 -12.20
C ILE E 62 -12.49 17.94 -12.61
N ASN E 63 -12.01 19.08 -12.14
CA ASN E 63 -12.46 20.36 -12.68
C ASN E 63 -11.27 21.25 -13.00
N ASN E 64 -10.92 21.28 -14.29
CA ASN E 64 -9.78 22.04 -14.78
C ASN E 64 -10.08 23.52 -15.06
N LYS E 65 -11.32 23.94 -14.88
CA LYS E 65 -11.64 25.36 -14.80
C LYS E 65 -11.16 25.90 -13.46
N THR E 66 -11.35 25.09 -12.42
CA THR E 66 -10.94 25.44 -11.08
C THR E 66 -9.47 25.13 -10.84
N ASN E 67 -9.02 23.99 -11.35
CA ASN E 67 -7.67 23.52 -11.15
C ASN E 67 -7.04 23.16 -12.49
N PRO E 68 -6.59 24.18 -13.25
CA PRO E 68 -6.01 23.98 -14.59
C PRO E 68 -4.76 23.10 -14.61
N LYS E 69 -4.09 22.95 -13.47
CA LYS E 69 -2.80 22.22 -13.38
C LYS E 69 -2.93 20.71 -13.10
N ILE E 70 -4.07 20.29 -12.56
CA ILE E 70 -4.33 18.88 -12.31
C ILE E 70 -4.65 18.20 -13.64
N LYS E 71 -3.62 17.62 -14.28
CA LYS E 71 -3.76 17.00 -15.60
C LYS E 71 -3.15 15.61 -15.71
N SER E 72 -2.57 15.09 -14.63
CA SER E 72 -1.97 13.76 -14.65
C SER E 72 -1.70 13.16 -13.26
N PHE E 73 -1.58 11.85 -13.21
CA PHE E 73 -1.12 11.17 -12.00
C PHE E 73 -0.65 9.76 -12.31
N THR E 74 0.08 9.20 -11.36
CA THR E 74 0.75 7.94 -11.56
C THR E 74 0.47 6.96 -10.45
N ILE E 75 0.28 5.70 -10.83
CA ILE E 75 0.06 4.60 -9.90
C ILE E 75 1.17 3.58 -10.15
N LYS E 76 1.95 3.29 -9.13
CA LYS E 76 3.13 2.46 -9.27
C LYS E 76 2.94 1.13 -8.55
N LEU E 77 3.27 0.05 -9.22
CA LEU E 77 3.44 -1.25 -8.61
C LEU E 77 4.93 -1.60 -8.67
N LEU E 78 5.53 -1.81 -7.51
CA LEU E 78 6.94 -2.08 -7.38
C LEU E 78 7.07 -3.49 -6.83
N PHE E 79 8.00 -4.26 -7.39
CA PHE E 79 8.15 -5.67 -7.03
C PHE E 79 9.59 -6.02 -6.63
N ASN E 80 9.76 -6.92 -5.65
CA ASN E 80 11.09 -7.45 -5.31
C ASN E 80 11.53 -8.58 -6.27
N LYS E 81 12.67 -9.20 -6.00
CA LYS E 81 13.25 -10.23 -6.87
C LYS E 81 12.35 -11.45 -7.04
N ASN E 82 11.47 -11.68 -6.08
CA ASN E 82 10.53 -12.80 -6.13
C ASN E 82 9.18 -12.49 -6.75
N GLY E 83 9.02 -11.25 -7.20
CA GLY E 83 7.76 -10.81 -7.78
C GLY E 83 6.72 -10.41 -6.76
N VAL E 84 7.17 -10.22 -5.51
CA VAL E 84 6.30 -9.83 -4.41
C VAL E 84 6.18 -8.29 -4.43
N LEU E 85 4.97 -7.80 -4.17
CA LEU E 85 4.64 -6.38 -4.23
C LEU E 85 5.23 -5.67 -3.03
N LEU E 86 5.99 -4.60 -3.25
CA LEU E 86 6.60 -3.86 -2.16
C LEU E 86 5.57 -2.89 -1.59
N ASP E 87 5.60 -2.65 -0.27
CA ASP E 87 4.53 -1.82 0.32
C ASP E 87 4.61 -0.31 0.04
N ASN E 88 5.65 0.19 -0.61
CA ASN E 88 5.61 1.58 -1.09
C ASN E 88 4.95 1.74 -2.49
N SER E 89 4.39 0.65 -3.00
CA SER E 89 3.49 0.71 -4.15
C SER E 89 2.24 1.51 -3.78
N ASN E 90 1.57 2.10 -4.76
CA ASN E 90 0.28 2.76 -4.54
C ASN E 90 -0.83 1.73 -4.24
N LEU E 91 -0.73 0.59 -4.90
CA LEU E 91 -1.62 -0.54 -4.64
C LEU E 91 -1.26 -1.23 -3.34
N GLY E 92 -2.28 -1.49 -2.51
CA GLY E 92 -2.07 -2.20 -1.24
C GLY E 92 -1.88 -3.70 -1.43
N LYS E 93 -1.08 -4.30 -0.55
CA LYS E 93 -0.67 -5.70 -0.63
C LYS E 93 -1.74 -6.70 -0.21
N ALA E 94 -2.74 -6.25 0.57
CA ALA E 94 -3.71 -7.15 1.18
C ALA E 94 -4.54 -7.98 0.20
N TYR E 95 -4.96 -7.36 -0.90
CA TYR E 95 -5.80 -8.05 -1.89
C TYR E 95 -5.15 -8.18 -3.26
N TRP E 96 -3.82 -8.11 -3.31
CA TRP E 96 -3.07 -8.47 -4.51
C TRP E 96 -2.48 -9.84 -4.28
N ASN E 97 -2.96 -10.82 -5.05
CA ASN E 97 -2.65 -12.23 -4.84
C ASN E 97 -3.19 -13.10 -5.97
N PHE E 98 -2.82 -14.39 -5.95
CA PHE E 98 -3.39 -15.35 -6.90
C PHE E 98 -4.87 -15.52 -6.65
N ARG E 99 -5.58 -15.79 -7.74
CA ARG E 99 -7.04 -15.89 -7.76
C ARG E 99 -7.61 -17.18 -7.17
N SER E 100 -8.73 -17.03 -6.45
CA SER E 100 -9.57 -18.15 -6.09
C SER E 100 -11.01 -17.67 -6.15
N GLY E 101 -11.73 -18.15 -7.17
CA GLY E 101 -13.10 -17.74 -7.42
C GLY E 101 -13.12 -16.26 -7.75
N ASN E 102 -13.95 -15.50 -7.04
CA ASN E 102 -13.94 -14.05 -7.15
C ASN E 102 -13.10 -13.38 -6.09
N SER E 103 -12.34 -14.19 -5.34
CA SER E 103 -11.50 -13.70 -4.28
C SER E 103 -10.06 -14.11 -4.57
N ASN E 104 -9.25 -14.26 -3.52
CA ASN E 104 -7.86 -14.68 -3.63
C ASN E 104 -7.59 -15.93 -2.83
N VAL E 105 -6.44 -16.56 -3.06
CA VAL E 105 -6.01 -17.66 -2.17
C VAL E 105 -5.80 -17.06 -0.77
N SER E 106 -5.96 -17.88 0.25
CA SER E 106 -5.95 -17.37 1.62
C SER E 106 -4.57 -16.83 2.08
N THR E 107 -3.48 -17.46 1.64
CA THR E 107 -2.15 -17.08 2.11
C THR E 107 -1.44 -16.21 1.06
N ALA E 108 -0.55 -15.34 1.52
CA ALA E 108 0.16 -14.41 0.66
C ALA E 108 1.16 -15.17 -0.20
N TYR E 109 1.29 -14.80 -1.48
CA TYR E 109 2.20 -15.54 -2.36
C TYR E 109 3.64 -15.18 -2.07
N GLU E 110 4.52 -16.16 -2.26
CA GLU E 110 5.94 -15.94 -2.06
C GLU E 110 6.75 -15.82 -3.36
N LYS E 111 6.19 -16.27 -4.49
CA LYS E 111 6.90 -16.19 -5.77
C LYS E 111 5.95 -15.93 -6.96
N ALA E 112 6.26 -14.94 -7.79
CA ALA E 112 5.49 -14.64 -9.00
C ALA E 112 6.39 -14.06 -10.09
N ILE E 113 7.55 -14.69 -10.28
CA ILE E 113 8.56 -14.18 -11.21
C ILE E 113 8.07 -14.36 -12.66
N GLY E 114 7.25 -15.38 -12.89
CA GLY E 114 6.64 -15.58 -14.21
C GLY E 114 5.63 -14.54 -14.65
N PHE E 115 5.23 -13.69 -13.71
CA PHE E 115 4.36 -12.56 -14.01
C PHE E 115 5.12 -11.24 -14.15
N MET E 116 6.43 -11.25 -13.95
CA MET E 116 7.20 -10.02 -13.92
C MET E 116 7.60 -9.60 -15.36
N PRO E 117 7.69 -8.27 -15.62
CA PRO E 117 8.11 -7.86 -16.93
C PRO E 117 9.56 -8.21 -17.22
N ASN E 118 9.79 -8.74 -18.42
CA ASN E 118 11.09 -9.26 -18.82
C ASN E 118 12.19 -8.17 -18.80
N LEU E 119 13.31 -8.46 -18.14
CA LEU E 119 14.35 -7.45 -17.92
C LEU E 119 15.22 -7.16 -19.15
N VAL E 120 15.32 -8.13 -20.07
CA VAL E 120 16.03 -7.90 -21.33
C VAL E 120 15.14 -7.06 -22.25
N ALA E 121 13.86 -7.40 -22.33
CA ALA E 121 12.94 -6.61 -23.12
C ALA E 121 12.82 -5.19 -22.55
N TYR E 122 12.82 -5.09 -21.22
CA TYR E 122 12.48 -3.87 -20.50
C TYR E 122 13.49 -3.67 -19.37
N PRO E 123 14.70 -3.17 -19.70
CA PRO E 123 15.80 -3.00 -18.73
C PRO E 123 15.53 -1.91 -17.70
N LYS E 124 16.09 -2.09 -16.50
CA LYS E 124 16.07 -1.07 -15.47
C LYS E 124 16.78 0.21 -15.97
N PRO E 125 16.49 1.37 -15.36
CA PRO E 125 17.20 2.60 -15.74
C PRO E 125 18.68 2.45 -15.60
N SER E 126 19.42 2.96 -16.57
CA SER E 126 20.88 3.01 -16.51
C SER E 126 21.39 4.17 -17.34
N ASN E 127 22.70 4.27 -17.50
CA ASN E 127 23.31 5.22 -18.45
C ASN E 127 23.13 4.80 -19.90
N SER E 128 22.67 3.58 -20.14
CA SER E 128 22.53 3.07 -21.50
C SER E 128 21.29 3.64 -22.21
N LYS E 129 21.32 3.67 -23.55
CA LYS E 129 20.23 4.21 -24.35
C LYS E 129 18.90 3.59 -23.94
N LYS E 130 17.95 4.45 -23.59
CA LYS E 130 16.64 3.98 -23.15
C LYS E 130 15.71 3.84 -24.37
N TYR E 131 15.20 2.64 -24.62
CA TYR E 131 14.28 2.36 -25.76
C TYR E 131 12.81 2.43 -25.39
N ALA E 132 11.99 2.79 -26.36
CA ALA E 132 10.55 3.03 -26.11
C ALA E 132 9.72 1.75 -25.95
N ARG E 133 10.30 0.60 -26.23
CA ARG E 133 9.50 -0.63 -26.24
C ARG E 133 8.99 -1.04 -24.85
N ASP E 134 9.57 -0.49 -23.79
CA ASP E 134 9.07 -0.66 -22.42
C ASP E 134 7.80 0.15 -22.08
N ILE E 135 7.22 0.82 -23.07
CA ILE E 135 5.98 1.61 -22.91
C ILE E 135 4.86 1.04 -23.77
N VAL E 136 3.66 0.97 -23.22
CA VAL E 136 2.43 0.79 -24.00
C VAL E 136 1.52 1.99 -23.75
N TYR E 137 1.00 2.59 -24.82
CA TYR E 137 0.01 3.67 -24.74
C TYR E 137 -1.40 3.14 -25.11
N GLY E 138 -2.42 3.60 -24.39
CA GLY E 138 -3.81 3.37 -24.78
C GLY E 138 -4.65 4.54 -24.34
N THR E 139 -5.86 4.62 -24.89
CA THR E 139 -6.82 5.62 -24.50
C THR E 139 -7.99 4.95 -23.79
N ILE E 140 -8.35 5.44 -22.61
CA ILE E 140 -9.59 5.05 -21.95
C ILE E 140 -10.53 6.24 -21.86
N TYR E 141 -11.76 6.02 -21.40
CA TYR E 141 -12.79 7.05 -21.49
C TYR E 141 -13.46 7.22 -20.15
N LEU E 142 -13.48 8.46 -19.66
CA LEU E 142 -14.00 8.74 -18.34
C LEU E 142 -15.52 8.72 -18.33
N GLY E 143 -16.09 7.98 -17.38
CA GLY E 143 -17.54 7.71 -17.32
C GLY E 143 -18.12 6.95 -18.52
N GLY E 144 -17.29 6.29 -19.32
CA GLY E 144 -17.75 5.67 -20.54
C GLY E 144 -18.15 6.59 -21.68
N LYS E 145 -17.86 7.89 -21.55
CA LYS E 145 -18.32 8.87 -22.53
C LYS E 145 -17.28 9.04 -23.64
N PRO E 146 -17.69 8.91 -24.90
CA PRO E 146 -16.76 8.94 -26.02
C PRO E 146 -16.03 10.27 -26.21
N ASP E 147 -16.54 11.35 -25.62
CA ASP E 147 -15.88 12.66 -25.70
C ASP E 147 -15.05 13.02 -24.43
N GLN E 148 -14.76 12.02 -23.59
CA GLN E 148 -13.92 12.21 -22.40
C GLN E 148 -12.68 11.28 -22.38
N PRO E 149 -11.81 11.37 -23.41
CA PRO E 149 -10.62 10.54 -23.41
C PRO E 149 -9.61 10.96 -22.33
N ALA E 150 -8.85 9.98 -21.83
CA ALA E 150 -7.60 10.21 -21.12
C ALA E 150 -6.64 9.10 -21.58
N VAL E 151 -5.35 9.40 -21.59
CA VAL E 151 -4.32 8.47 -22.00
C VAL E 151 -3.90 7.66 -20.80
N ILE E 152 -3.78 6.35 -20.99
CA ILE E 152 -3.12 5.49 -20.01
C ILE E 152 -1.77 5.05 -20.59
N LYS E 153 -0.71 5.47 -19.92
CA LYS E 153 0.64 5.12 -20.33
C LYS E 153 1.18 4.13 -19.32
N THR E 154 1.47 2.93 -19.81
CA THR E 154 1.99 1.86 -18.96
C THR E 154 3.47 1.70 -19.27
N THR E 155 4.29 1.70 -18.22
CA THR E 155 5.73 1.59 -18.37
C THR E 155 6.31 0.45 -17.51
N PHE E 156 7.19 -0.35 -18.09
CA PHE E 156 7.75 -1.52 -17.37
C PHE E 156 9.18 -1.26 -16.89
N ASN E 157 9.45 -1.62 -15.64
CA ASN E 157 10.79 -1.68 -15.09
C ASN E 157 11.58 -0.36 -15.14
N GLN E 158 10.90 0.76 -14.93
CA GLN E 158 11.60 2.03 -14.98
C GLN E 158 11.59 2.72 -13.64
N GLU E 159 11.14 2.04 -12.58
CA GLU E 159 11.26 2.55 -11.21
C GLU E 159 12.55 2.02 -10.57
N THR E 160 13.11 2.81 -9.68
CA THR E 160 14.29 2.41 -8.92
C THR E 160 13.82 1.96 -7.54
N GLY E 161 14.74 1.41 -6.75
CA GLY E 161 14.40 0.85 -5.44
C GLY E 161 13.50 -0.38 -5.53
N CYS E 162 13.70 -1.21 -6.54
CA CYS E 162 12.90 -2.41 -6.76
C CYS E 162 13.56 -3.24 -7.84
N GLU E 163 13.16 -4.50 -7.96
CA GLU E 163 13.66 -5.33 -9.06
C GLU E 163 12.82 -5.19 -10.31
N TYR E 164 11.51 -5.04 -10.16
CA TYR E 164 10.61 -4.89 -11.29
C TYR E 164 9.57 -3.83 -10.97
N SER E 165 8.96 -3.26 -11.99
CA SER E 165 7.91 -2.30 -11.78
C SER E 165 6.92 -2.31 -12.94
N ILE E 166 5.67 -1.97 -12.64
CA ILE E 166 4.64 -1.62 -13.61
C ILE E 166 4.05 -0.31 -13.14
N THR E 167 4.03 0.70 -13.99
CA THR E 167 3.51 2.00 -13.56
C THR E 167 2.49 2.45 -14.58
N PHE E 168 1.38 2.98 -14.09
CA PHE E 168 0.30 3.48 -14.95
C PHE E 168 0.24 5.00 -14.77
N ASN E 169 0.56 5.74 -15.82
CA ASN E 169 0.37 7.19 -15.80
C ASN E 169 -0.92 7.51 -16.53
N PHE E 170 -1.79 8.22 -15.85
CA PHE E 170 -3.05 8.69 -16.41
C PHE E 170 -2.92 10.19 -16.69
N SER E 171 -3.29 10.63 -17.89
CA SER E 171 -3.23 12.07 -18.23
C SER E 171 -4.26 12.46 -19.26
N TRP E 172 -4.53 13.76 -19.35
CA TRP E 172 -5.52 14.27 -20.28
C TRP E 172 -5.21 15.70 -20.68
N SER E 173 -5.71 16.10 -21.83
CA SER E 173 -5.43 17.41 -22.39
CA SER E 173 -5.44 17.41 -22.41
C SER E 173 -6.67 18.30 -22.37
N LYS E 174 -7.85 17.70 -22.35
CA LYS E 174 -9.07 18.48 -22.31
C LYS E 174 -9.27 19.19 -20.97
N THR E 175 -9.97 20.32 -21.01
CA THR E 175 -10.36 21.07 -19.83
C THR E 175 -11.70 20.53 -19.34
N TYR E 176 -11.64 19.49 -18.52
CA TYR E 176 -12.85 18.82 -18.04
C TYR E 176 -13.49 19.59 -16.91
N GLU E 177 -14.81 19.60 -16.90
CA GLU E 177 -15.53 20.35 -15.88
C GLU E 177 -16.45 19.41 -15.08
N ASN E 178 -15.99 19.04 -13.88
CA ASN E 178 -16.72 18.13 -12.99
C ASN E 178 -16.89 16.73 -13.57
N VAL E 179 -15.77 16.15 -13.98
CA VAL E 179 -15.77 14.84 -14.60
C VAL E 179 -15.19 13.84 -13.59
N GLU E 180 -16.00 12.85 -13.26
CA GLU E 180 -15.59 11.85 -12.25
C GLU E 180 -14.58 10.88 -12.88
N PHE E 181 -13.43 10.72 -12.24
CA PHE E 181 -12.37 9.90 -12.80
C PHE E 181 -12.62 8.38 -12.59
N GLU E 182 -13.42 7.81 -13.49
CA GLU E 182 -13.70 6.38 -13.45
C GLU E 182 -13.65 5.89 -14.89
N THR E 183 -12.80 4.89 -15.15
CA THR E 183 -12.42 4.61 -16.52
C THR E 183 -13.08 3.40 -17.10
N THR E 184 -13.11 3.34 -18.44
CA THR E 184 -13.35 2.16 -19.19
C THR E 184 -12.11 1.24 -19.06
N SER E 185 -12.24 0.01 -19.51
CA SER E 185 -11.18 -0.97 -19.35
C SER E 185 -10.27 -1.03 -20.58
N PHE E 186 -8.99 -1.34 -20.34
CA PHE E 186 -7.97 -1.44 -21.38
C PHE E 186 -7.21 -2.75 -21.22
N THR E 187 -6.97 -3.41 -22.35
CA THR E 187 -6.19 -4.65 -22.39
C THR E 187 -4.87 -4.43 -23.11
N PHE E 188 -3.78 -4.98 -22.57
CA PHE E 188 -2.46 -5.00 -23.21
C PHE E 188 -1.79 -6.32 -22.83
N SER E 189 -0.57 -6.50 -23.32
CA SER E 189 0.28 -7.64 -22.94
C SER E 189 1.72 -7.15 -22.76
N TYR E 190 2.54 -7.99 -22.13
CA TYR E 190 3.97 -7.75 -22.03
C TYR E 190 4.69 -9.11 -21.94
N ILE E 191 5.99 -9.07 -22.20
CA ILE E 191 6.82 -10.24 -22.24
C ILE E 191 7.20 -10.56 -20.78
N ALA E 192 6.99 -11.81 -20.40
CA ALA E 192 7.26 -12.27 -19.04
C ALA E 192 8.74 -12.56 -18.83
N GLN E 193 9.21 -12.39 -17.59
CA GLN E 193 10.61 -12.63 -17.25
C GLN E 193 11.02 -14.10 -17.43
N GLU E 194 10.15 -15.00 -17.02
CA GLU E 194 10.40 -16.42 -17.23
C GLU E 194 9.08 -17.12 -17.50
N TYR F 10 -13.01 -31.73 -29.49
CA TYR F 10 -13.20 -30.34 -29.97
C TYR F 10 -12.50 -29.32 -29.06
N ASP F 11 -12.49 -28.06 -29.48
CA ASP F 11 -11.75 -27.02 -28.79
C ASP F 11 -12.63 -26.34 -27.73
N THR F 12 -12.55 -26.89 -26.53
CA THR F 12 -13.42 -26.45 -25.44
C THR F 12 -12.91 -25.16 -24.78
N ARG F 13 -11.88 -24.54 -25.37
CA ARG F 13 -11.40 -23.24 -24.92
C ARG F 13 -11.77 -22.15 -25.96
N THR F 14 -12.54 -22.47 -27.00
CA THR F 14 -13.02 -21.47 -27.97
C THR F 14 -14.52 -21.56 -28.29
N LEU F 15 -15.22 -20.43 -28.09
CA LEU F 15 -16.57 -20.19 -28.62
C LEU F 15 -16.45 -19.21 -29.77
N TRP F 16 -17.09 -19.53 -30.90
CA TRP F 16 -16.97 -18.67 -32.06
C TRP F 16 -18.10 -18.78 -33.04
N THR F 17 -18.09 -17.87 -34.02
N THR F 17 -18.09 -17.87 -34.01
CA THR F 17 -19.06 -17.87 -35.11
CA THR F 17 -19.04 -17.83 -35.11
C THR F 17 -18.53 -18.55 -36.37
C THR F 17 -18.58 -18.61 -36.34
N THR F 18 -17.39 -19.23 -36.25
CA THR F 18 -16.69 -19.77 -37.43
CA THR F 18 -16.59 -19.76 -37.38
C THR F 18 -15.97 -18.62 -38.18
N PRO F 19 -14.86 -18.91 -38.88
CA PRO F 19 -14.24 -17.79 -39.59
C PRO F 19 -14.72 -17.61 -41.04
N ASP F 20 -15.78 -18.28 -41.43
CA ASP F 20 -16.30 -18.10 -42.79
C ASP F 20 -17.02 -16.76 -42.93
N THR F 21 -17.60 -16.51 -44.10
CA THR F 21 -18.29 -15.26 -44.36
C THR F 21 -19.80 -15.43 -44.49
N SER F 22 -20.31 -16.58 -44.08
CA SER F 22 -21.74 -16.85 -44.11
C SER F 22 -22.50 -15.89 -43.17
N PRO F 23 -23.48 -15.13 -43.71
CA PRO F 23 -24.19 -14.16 -42.87
C PRO F 23 -24.88 -14.86 -41.69
N ASN F 24 -24.76 -14.25 -40.50
CA ASN F 24 -25.19 -14.91 -39.26
C ASN F 24 -25.91 -13.98 -38.27
N CYS F 25 -26.19 -12.75 -38.68
CA CYS F 25 -26.55 -11.70 -37.77
C CYS F 25 -27.54 -10.77 -38.42
N THR F 26 -28.45 -10.26 -37.62
CA THR F 26 -29.59 -9.51 -38.09
C THR F 26 -29.55 -8.17 -37.39
N ILE F 27 -29.13 -7.13 -38.12
CA ILE F 27 -29.13 -5.77 -37.59
C ILE F 27 -30.46 -5.05 -37.89
N ALA F 28 -30.73 -4.79 -39.17
CA ALA F 28 -31.97 -4.13 -39.60
C ALA F 28 -32.90 -5.12 -40.32
N GLN F 29 -32.32 -6.15 -40.95
CA GLN F 29 -33.12 -7.19 -41.60
C GLN F 29 -32.41 -8.52 -41.53
N ASP F 30 -33.16 -9.58 -41.78
CA ASP F 30 -32.71 -10.95 -41.58
C ASP F 30 -31.36 -11.22 -42.27
N LYS F 31 -30.40 -11.66 -41.48
CA LYS F 31 -29.11 -12.13 -41.99
C LYS F 31 -28.39 -11.09 -42.86
N ASP F 32 -28.40 -9.84 -42.38
CA ASP F 32 -27.78 -8.72 -43.12
C ASP F 32 -26.29 -8.51 -42.84
N SER F 33 -25.72 -9.38 -42.02
CA SER F 33 -24.33 -9.20 -41.61
C SER F 33 -23.66 -10.50 -41.18
N LYS F 34 -22.34 -10.54 -41.31
CA LYS F 34 -21.48 -11.58 -40.72
C LYS F 34 -20.74 -10.92 -39.58
N LEU F 35 -21.10 -11.31 -38.37
CA LEU F 35 -20.30 -10.98 -37.19
C LEU F 35 -19.30 -12.11 -37.06
N THR F 36 -18.00 -11.78 -37.15
CA THR F 36 -16.96 -12.75 -36.87
C THR F 36 -16.46 -12.50 -35.44
N LEU F 37 -16.82 -13.41 -34.52
CA LEU F 37 -16.46 -13.25 -33.10
C LEU F 37 -15.81 -14.54 -32.60
N VAL F 38 -14.60 -14.42 -32.07
CA VAL F 38 -13.88 -15.50 -31.47
C VAL F 38 -13.58 -15.18 -29.97
N LEU F 39 -14.08 -16.02 -29.09
CA LEU F 39 -13.80 -15.92 -27.67
C LEU F 39 -12.94 -17.11 -27.25
N THR F 40 -11.73 -16.79 -26.79
CA THR F 40 -10.77 -17.80 -26.43
C THR F 40 -10.46 -17.69 -24.94
N LYS F 41 -10.69 -18.79 -24.22
CA LYS F 41 -10.55 -18.75 -22.79
C LYS F 41 -9.09 -18.97 -22.40
N CYS F 42 -8.49 -17.93 -21.83
CA CYS F 42 -7.17 -17.96 -21.24
CA CYS F 42 -7.17 -17.98 -21.24
C CYS F 42 -7.36 -17.78 -19.72
N GLY F 43 -7.84 -18.83 -19.07
CA GLY F 43 -8.18 -18.79 -17.66
C GLY F 43 -9.22 -17.75 -17.25
N SER F 44 -8.78 -16.81 -16.42
CA SER F 44 -9.65 -15.81 -15.83
C SER F 44 -9.98 -14.69 -16.80
N GLN F 45 -9.30 -14.68 -17.96
CA GLN F 45 -9.62 -13.73 -19.00
C GLN F 45 -10.07 -14.42 -20.25
N ILE F 46 -11.00 -13.80 -20.96
CA ILE F 46 -11.42 -14.24 -22.28
C ILE F 46 -10.76 -13.28 -23.26
N LEU F 47 -10.00 -13.82 -24.22
CA LEU F 47 -9.41 -13.05 -25.31
C LEU F 47 -10.38 -13.05 -26.48
N ALA F 48 -10.83 -11.85 -26.86
CA ALA F 48 -11.87 -11.66 -27.84
C ALA F 48 -11.33 -11.01 -29.09
N ASN F 49 -11.77 -11.49 -30.24
CA ASN F 49 -11.41 -10.93 -31.53
C ASN F 49 -12.69 -10.78 -32.35
N VAL F 50 -12.92 -9.58 -32.90
CA VAL F 50 -14.22 -9.22 -33.50
C VAL F 50 -14.00 -8.43 -34.81
N SER F 51 -14.86 -8.70 -35.78
CA SER F 51 -14.98 -7.87 -36.98
C SER F 51 -16.41 -8.01 -37.51
N LEU F 52 -16.79 -7.07 -38.37
CA LEU F 52 -18.16 -7.00 -38.92
C LEU F 52 -18.16 -6.75 -40.42
N ILE F 53 -18.94 -7.57 -41.11
CA ILE F 53 -19.22 -7.37 -42.52
C ILE F 53 -20.73 -7.23 -42.67
N VAL F 54 -21.18 -6.06 -43.09
CA VAL F 54 -22.60 -5.87 -43.35
C VAL F 54 -22.79 -6.10 -44.83
N VAL F 55 -23.61 -7.10 -45.17
CA VAL F 55 -23.71 -7.54 -46.55
C VAL F 55 -24.91 -6.97 -47.33
N ALA F 56 -25.90 -6.44 -46.63
CA ALA F 56 -27.14 -5.98 -47.28
C ALA F 56 -27.94 -5.08 -46.36
N GLY F 57 -28.99 -4.47 -46.92
CA GLY F 57 -29.92 -3.67 -46.17
C GLY F 57 -29.38 -2.34 -45.67
N LYS F 58 -30.07 -1.82 -44.67
CA LYS F 58 -29.93 -0.44 -44.22
C LYS F 58 -28.49 -0.01 -43.97
N TYR F 59 -27.69 -0.86 -43.34
CA TYR F 59 -26.34 -0.45 -42.91
C TYR F 59 -25.23 -0.93 -43.84
N HIS F 60 -25.61 -1.47 -45.00
CA HIS F 60 -24.61 -2.04 -45.90
C HIS F 60 -23.79 -0.95 -46.53
N ILE F 61 -24.45 0.08 -47.04
CA ILE F 61 -23.75 1.22 -47.58
C ILE F 61 -24.13 2.47 -46.77
N ILE F 62 -23.15 3.10 -46.13
CA ILE F 62 -23.42 4.34 -45.40
C ILE F 62 -23.39 5.57 -46.32
N ASN F 63 -24.46 6.35 -46.28
CA ASN F 63 -24.49 7.64 -46.98
C ASN F 63 -25.12 8.65 -46.07
N ASN F 64 -24.28 9.41 -45.38
CA ASN F 64 -24.76 10.44 -44.47
C ASN F 64 -25.16 11.74 -45.14
N LYS F 65 -24.95 11.84 -46.45
CA LYS F 65 -25.53 12.91 -47.21
C LYS F 65 -27.04 12.69 -47.36
N THR F 66 -27.42 11.48 -47.81
CA THR F 66 -28.83 11.12 -48.02
C THR F 66 -29.51 10.75 -46.69
N ASN F 67 -28.74 10.27 -45.73
CA ASN F 67 -29.25 9.88 -44.42
C ASN F 67 -28.37 10.43 -43.29
N PRO F 68 -28.44 11.73 -43.03
CA PRO F 68 -27.55 12.26 -41.98
C PRO F 68 -27.77 11.63 -40.61
N LYS F 69 -28.96 11.09 -40.35
CA LYS F 69 -29.30 10.57 -39.01
C LYS F 69 -28.72 9.18 -38.74
N ILE F 70 -28.27 8.47 -39.76
CA ILE F 70 -27.70 7.14 -39.56
C ILE F 70 -26.22 7.20 -39.13
N LYS F 71 -25.95 7.19 -37.82
CA LYS F 71 -24.58 7.35 -37.33
C LYS F 71 -24.13 6.22 -36.41
N SER F 72 -24.99 5.25 -36.15
CA SER F 72 -24.66 4.15 -35.23
C SER F 72 -25.68 3.03 -35.28
N PHE F 73 -25.29 1.84 -34.80
CA PHE F 73 -26.21 0.70 -34.66
C PHE F 73 -25.60 -0.29 -33.68
N THR F 74 -26.44 -1.19 -33.15
CA THR F 74 -26.03 -2.08 -32.06
C THR F 74 -26.28 -3.56 -32.38
N ILE F 75 -25.33 -4.42 -32.02
CA ILE F 75 -25.48 -5.86 -32.10
C ILE F 75 -25.36 -6.43 -30.67
N LYS F 76 -26.39 -7.12 -30.22
CA LYS F 76 -26.42 -7.67 -28.85
C LYS F 76 -26.31 -9.20 -28.82
N LEU F 77 -25.44 -9.72 -27.94
CA LEU F 77 -25.44 -11.13 -27.60
CA LEU F 77 -25.42 -11.13 -27.57
C LEU F 77 -25.97 -11.26 -26.15
N LEU F 78 -27.09 -11.95 -26.01
CA LEU F 78 -27.75 -12.09 -24.72
C LEU F 78 -27.65 -13.56 -24.29
N PHE F 79 -27.36 -13.82 -23.02
CA PHE F 79 -27.14 -15.19 -22.57
C PHE F 79 -27.94 -15.47 -21.31
N ASN F 80 -28.33 -16.75 -21.12
CA ASN F 80 -29.04 -17.18 -19.94
C ASN F 80 -28.05 -17.60 -18.84
N LYS F 81 -28.57 -18.13 -17.72
CA LYS F 81 -27.73 -18.52 -16.58
C LYS F 81 -26.63 -19.53 -16.88
N ASN F 82 -26.81 -20.33 -17.92
CA ASN F 82 -25.81 -21.32 -18.36
C ASN F 82 -24.86 -20.83 -19.43
N GLY F 83 -24.98 -19.58 -19.81
CA GLY F 83 -24.17 -19.02 -20.88
C GLY F 83 -24.64 -19.36 -22.29
N VAL F 84 -25.88 -19.83 -22.42
CA VAL F 84 -26.49 -20.17 -23.72
C VAL F 84 -27.07 -18.90 -24.35
N LEU F 85 -26.77 -18.68 -25.64
CA LEU F 85 -27.25 -17.51 -26.39
C LEU F 85 -28.78 -17.54 -26.49
N LEU F 86 -29.43 -16.39 -26.29
CA LEU F 86 -30.87 -16.28 -26.31
C LEU F 86 -31.33 -15.75 -27.68
N ASP F 87 -32.50 -16.16 -28.16
CA ASP F 87 -32.90 -15.87 -29.54
C ASP F 87 -33.27 -14.41 -29.85
N ASN F 88 -33.40 -13.56 -28.84
CA ASN F 88 -33.51 -12.12 -29.09
C ASN F 88 -32.16 -11.46 -29.40
N SER F 89 -31.06 -12.21 -29.31
CA SER F 89 -29.76 -11.72 -29.75
C SER F 89 -29.78 -11.42 -31.25
N ASN F 90 -28.94 -10.48 -31.69
CA ASN F 90 -28.86 -10.16 -33.11
C ASN F 90 -28.15 -11.30 -33.85
N LEU F 91 -27.15 -11.89 -33.20
CA LEU F 91 -26.49 -13.12 -33.68
C LEU F 91 -27.42 -14.32 -33.63
N GLY F 92 -27.47 -15.09 -34.71
CA GLY F 92 -28.35 -16.26 -34.80
C GLY F 92 -27.74 -17.42 -34.00
N LYS F 93 -28.58 -18.14 -33.29
CA LYS F 93 -28.15 -19.28 -32.45
C LYS F 93 -27.42 -20.40 -33.23
N ALA F 94 -27.82 -20.66 -34.48
CA ALA F 94 -27.24 -21.76 -35.24
C ALA F 94 -25.79 -21.53 -35.62
N TYR F 95 -25.30 -20.32 -35.41
CA TYR F 95 -23.97 -19.90 -35.84
C TYR F 95 -22.97 -19.80 -34.67
N TRP F 96 -23.39 -20.13 -33.45
CA TRP F 96 -22.60 -19.86 -32.25
C TRP F 96 -22.38 -21.11 -31.45
N ASN F 97 -21.12 -21.55 -31.34
CA ASN F 97 -20.81 -22.82 -30.64
C ASN F 97 -19.32 -22.97 -30.39
N PHE F 98 -18.98 -24.01 -29.66
CA PHE F 98 -17.60 -24.43 -29.49
C PHE F 98 -16.99 -24.79 -30.83
N ARG F 99 -15.70 -24.48 -30.99
CA ARG F 99 -14.98 -24.74 -32.21
C ARG F 99 -14.69 -26.21 -32.46
N SER F 100 -14.76 -26.60 -33.74
CA SER F 100 -14.20 -27.86 -34.18
C SER F 100 -13.58 -27.64 -35.55
N GLY F 101 -12.25 -27.63 -35.60
CA GLY F 101 -11.53 -27.31 -36.84
C GLY F 101 -11.83 -25.89 -37.27
N ASN F 102 -12.27 -25.72 -38.51
CA ASN F 102 -12.80 -24.43 -38.96
C ASN F 102 -14.31 -24.32 -38.84
N SER F 103 -14.91 -25.27 -38.14
CA SER F 103 -16.34 -25.36 -38.07
C SER F 103 -16.76 -25.29 -36.59
N ASN F 104 -17.99 -25.71 -36.31
CA ASN F 104 -18.57 -25.73 -34.97
C ASN F 104 -18.89 -27.15 -34.66
N VAL F 105 -18.88 -27.49 -33.38
CA VAL F 105 -19.41 -28.77 -32.92
C VAL F 105 -20.84 -28.93 -33.47
N SER F 106 -21.26 -30.16 -33.76
CA SER F 106 -22.54 -30.37 -34.47
C SER F 106 -23.84 -30.30 -33.64
N THR F 107 -23.74 -30.17 -32.32
CA THR F 107 -24.93 -29.98 -31.46
C THR F 107 -24.68 -28.81 -30.50
N ALA F 108 -25.74 -28.10 -30.16
CA ALA F 108 -25.59 -26.85 -29.44
C ALA F 108 -25.11 -27.14 -28.04
N TYR F 109 -24.26 -26.28 -27.52
CA TYR F 109 -23.70 -26.50 -26.19
C TYR F 109 -24.74 -26.24 -25.09
N GLU F 110 -24.61 -26.94 -23.97
CA GLU F 110 -25.49 -26.72 -22.82
C GLU F 110 -24.93 -25.77 -21.73
N LYS F 111 -23.62 -25.63 -21.64
CA LYS F 111 -22.99 -24.78 -20.61
C LYS F 111 -21.79 -24.05 -21.18
N ALA F 112 -21.66 -22.78 -20.85
CA ALA F 112 -20.46 -21.99 -21.21
C ALA F 112 -20.24 -20.84 -20.21
N ILE F 113 -20.47 -21.14 -18.93
CA ILE F 113 -20.39 -20.09 -17.91
C ILE F 113 -18.96 -19.53 -17.83
N GLY F 114 -17.96 -20.39 -18.06
CA GLY F 114 -16.56 -19.97 -18.16
C GLY F 114 -16.21 -18.90 -19.20
N PHE F 115 -17.13 -18.65 -20.12
CA PHE F 115 -16.96 -17.63 -21.15
C PHE F 115 -17.76 -16.34 -20.88
N MET F 116 -18.56 -16.33 -19.82
CA MET F 116 -19.41 -15.20 -19.57
C MET F 116 -18.65 -14.07 -18.87
N PRO F 117 -19.04 -12.80 -19.10
CA PRO F 117 -18.44 -11.67 -18.41
C PRO F 117 -18.76 -11.72 -16.91
N ASN F 118 -17.72 -11.61 -16.09
CA ASN F 118 -17.81 -11.68 -14.64
C ASN F 118 -18.83 -10.68 -14.09
N LEU F 119 -19.80 -11.17 -13.30
CA LEU F 119 -20.88 -10.29 -12.78
C LEU F 119 -20.44 -9.37 -11.63
N VAL F 120 -19.40 -9.73 -10.90
CA VAL F 120 -18.84 -8.84 -9.89
C VAL F 120 -18.04 -7.71 -10.58
N ALA F 121 -17.28 -8.04 -11.63
CA ALA F 121 -16.61 -7.01 -12.41
C ALA F 121 -17.62 -6.15 -13.17
N TYR F 122 -18.64 -6.81 -13.74
CA TYR F 122 -19.61 -6.14 -14.58
C TYR F 122 -21.04 -6.48 -14.14
N PRO F 123 -21.53 -5.84 -13.09
CA PRO F 123 -22.87 -6.25 -12.62
C PRO F 123 -23.98 -5.84 -13.58
N LYS F 124 -25.09 -6.59 -13.56
CA LYS F 124 -26.31 -6.23 -14.31
C LYS F 124 -26.86 -4.88 -13.86
N PRO F 125 -27.72 -4.27 -14.69
CA PRO F 125 -28.36 -3.02 -14.27
C PRO F 125 -29.11 -3.19 -12.95
N SER F 126 -28.98 -2.21 -12.07
CA SER F 126 -29.62 -2.27 -10.77
C SER F 126 -29.77 -0.85 -10.31
N ASN F 127 -30.07 -0.67 -9.03
CA ASN F 127 -30.13 0.66 -8.43
C ASN F 127 -28.78 1.17 -7.94
N SER F 128 -27.75 0.33 -7.94
CA SER F 128 -26.44 0.76 -7.50
CA SER F 128 -26.43 0.74 -7.51
C SER F 128 -25.70 1.52 -8.60
N LYS F 129 -24.67 2.27 -8.19
CA LYS F 129 -23.85 3.04 -9.12
C LYS F 129 -23.24 2.13 -10.15
N LYS F 130 -23.37 2.55 -11.39
CA LYS F 130 -22.93 1.82 -12.57
C LYS F 130 -21.55 2.39 -12.93
N TYR F 131 -20.53 1.53 -13.01
CA TYR F 131 -19.15 1.95 -13.35
C TYR F 131 -18.80 1.71 -14.82
N ALA F 132 -17.93 2.57 -15.35
CA ALA F 132 -17.51 2.50 -16.72
C ALA F 132 -16.58 1.32 -17.05
N ARG F 133 -16.11 0.58 -16.05
CA ARG F 133 -15.15 -0.50 -16.34
C ARG F 133 -15.79 -1.67 -17.11
N ASP F 134 -17.11 -1.68 -17.19
CA ASP F 134 -17.81 -2.62 -18.03
C ASP F 134 -17.89 -2.27 -19.53
N ILE F 135 -17.15 -1.23 -19.93
CA ILE F 135 -17.04 -0.85 -21.32
C ILE F 135 -15.59 -0.96 -21.79
N VAL F 136 -15.39 -1.39 -23.03
CA VAL F 136 -14.12 -1.27 -23.72
C VAL F 136 -14.34 -0.51 -25.03
N TYR F 137 -13.55 0.51 -25.29
CA TYR F 137 -13.61 1.23 -26.55
C TYR F 137 -12.46 0.86 -27.45
N GLY F 138 -12.74 0.75 -28.74
CA GLY F 138 -11.69 0.66 -29.76
C GLY F 138 -12.16 1.30 -31.05
N THR F 139 -11.25 1.39 -32.02
CA THR F 139 -11.53 2.00 -33.32
C THR F 139 -11.18 0.99 -34.41
N ILE F 140 -12.10 0.75 -35.34
CA ILE F 140 -11.82 -0.07 -36.54
C ILE F 140 -12.00 0.79 -37.78
N TYR F 141 -11.62 0.23 -38.93
CA TYR F 141 -11.55 1.01 -40.17
C TYR F 141 -12.36 0.35 -41.28
N LEU F 142 -13.25 1.16 -41.87
CA LEU F 142 -14.16 0.67 -42.89
C LEU F 142 -13.39 0.49 -44.18
N GLY F 143 -13.54 -0.68 -44.78
CA GLY F 143 -12.77 -1.03 -45.98
C GLY F 143 -11.28 -1.11 -45.80
N GLY F 144 -10.81 -1.09 -44.55
CA GLY F 144 -9.37 -1.07 -44.29
C GLY F 144 -8.69 0.25 -44.63
N LYS F 145 -9.48 1.30 -44.92
CA LYS F 145 -8.93 2.58 -45.27
C LYS F 145 -8.64 3.42 -44.03
N PRO F 146 -7.42 3.94 -43.90
CA PRO F 146 -7.05 4.62 -42.68
C PRO F 146 -7.83 5.92 -42.44
N ASP F 147 -8.52 6.47 -43.45
CA ASP F 147 -9.33 7.69 -43.24
C ASP F 147 -10.84 7.42 -43.05
N GLN F 148 -11.17 6.15 -42.75
CA GLN F 148 -12.55 5.74 -42.51
C GLN F 148 -12.70 5.04 -41.17
N PRO F 149 -12.33 5.72 -40.08
CA PRO F 149 -12.52 5.16 -38.76
C PRO F 149 -13.99 5.06 -38.33
N ALA F 150 -14.29 4.05 -37.53
CA ALA F 150 -15.53 3.98 -36.79
C ALA F 150 -15.22 3.41 -35.40
N VAL F 151 -16.02 3.80 -34.43
CA VAL F 151 -15.79 3.37 -33.07
C VAL F 151 -16.57 2.10 -32.78
N ILE F 152 -15.90 1.12 -32.16
CA ILE F 152 -16.54 -0.05 -31.60
C ILE F 152 -16.50 0.04 -30.07
N LYS F 153 -17.69 0.12 -29.49
CA LYS F 153 -17.86 0.22 -28.06
C LYS F 153 -18.48 -1.09 -27.59
N THR F 154 -17.76 -1.83 -26.74
CA THR F 154 -18.24 -3.13 -26.28
C THR F 154 -18.66 -3.00 -24.84
N THR F 155 -19.88 -3.43 -24.52
CA THR F 155 -20.38 -3.27 -23.17
C THR F 155 -20.76 -4.63 -22.60
N PHE F 156 -20.40 -4.88 -21.34
CA PHE F 156 -20.68 -6.15 -20.65
C PHE F 156 -21.80 -6.07 -19.64
N ASN F 157 -22.74 -7.02 -19.76
CA ASN F 157 -23.81 -7.28 -18.78
C ASN F 157 -24.77 -6.11 -18.53
N GLN F 158 -25.05 -5.32 -19.57
CA GLN F 158 -25.90 -4.15 -19.39
C GLN F 158 -27.27 -4.24 -20.09
N GLU F 159 -27.60 -5.40 -20.67
CA GLU F 159 -28.94 -5.64 -21.22
C GLU F 159 -29.83 -6.30 -20.18
N THR F 160 -31.13 -6.09 -20.31
CA THR F 160 -32.13 -6.74 -19.47
C THR F 160 -32.68 -7.95 -20.24
N GLY F 161 -33.49 -8.78 -19.58
CA GLY F 161 -34.00 -10.00 -20.21
C GLY F 161 -32.95 -11.10 -20.39
N CYS F 162 -31.90 -11.08 -19.59
CA CYS F 162 -30.82 -12.08 -19.67
C CYS F 162 -30.02 -12.09 -18.36
N GLU F 163 -29.14 -13.07 -18.20
CA GLU F 163 -28.21 -13.10 -17.06
C GLU F 163 -26.90 -12.40 -17.41
N TYR F 164 -26.45 -12.58 -18.65
CA TYR F 164 -25.22 -11.97 -19.12
C TYR F 164 -25.43 -11.38 -20.50
N SER F 165 -24.59 -10.42 -20.87
CA SER F 165 -24.67 -9.88 -22.23
C SER F 165 -23.34 -9.31 -22.69
N ILE F 166 -23.14 -9.34 -24.02
CA ILE F 166 -22.04 -8.63 -24.66
C ILE F 166 -22.69 -7.82 -25.77
N THR F 167 -22.52 -6.50 -25.74
CA THR F 167 -23.10 -5.68 -26.82
CA THR F 167 -23.14 -5.58 -26.71
C THR F 167 -22.03 -4.87 -27.51
N PHE F 168 -22.20 -4.75 -28.83
CA PHE F 168 -21.27 -4.04 -29.71
C PHE F 168 -22.04 -2.89 -30.32
N ASN F 169 -21.62 -1.67 -30.02
CA ASN F 169 -22.19 -0.50 -30.64
C ASN F 169 -21.15 0.07 -31.58
N PHE F 170 -21.54 0.19 -32.85
CA PHE F 170 -20.74 0.73 -33.94
C PHE F 170 -21.26 2.14 -34.22
N SER F 171 -20.37 3.13 -34.27
CA SER F 171 -20.77 4.51 -34.48
C SER F 171 -19.64 5.27 -35.18
N TRP F 172 -19.98 6.39 -35.81
CA TRP F 172 -18.98 7.17 -36.49
C TRP F 172 -19.39 8.59 -36.52
N SER F 173 -18.39 9.47 -36.60
CA SER F 173 -18.64 10.92 -36.55
C SER F 173 -18.40 11.60 -37.88
N LYS F 174 -17.72 10.97 -38.83
CA LYS F 174 -17.56 11.60 -40.14
C LYS F 174 -18.81 11.40 -40.99
N THR F 175 -18.95 12.27 -41.98
CA THR F 175 -20.01 12.23 -42.95
C THR F 175 -19.55 11.31 -44.08
N TYR F 176 -19.91 10.04 -43.98
CA TYR F 176 -19.49 9.10 -45.02
C TYR F 176 -20.45 9.10 -46.17
N GLU F 177 -19.92 9.07 -47.39
CA GLU F 177 -20.75 9.07 -48.57
C GLU F 177 -20.48 7.84 -49.44
N ASN F 178 -21.43 6.90 -49.42
CA ASN F 178 -21.34 5.60 -50.08
C ASN F 178 -20.13 4.76 -49.64
N VAL F 179 -20.02 4.57 -48.34
CA VAL F 179 -18.96 3.77 -47.72
C VAL F 179 -19.48 2.43 -47.24
N GLU F 180 -18.89 1.35 -47.71
CA GLU F 180 -19.35 0.02 -47.35
C GLU F 180 -18.95 -0.37 -45.91
N PHE F 181 -19.91 -0.85 -45.14
CA PHE F 181 -19.66 -1.16 -43.75
C PHE F 181 -19.15 -2.57 -43.59
N GLU F 182 -17.84 -2.70 -43.78
CA GLU F 182 -17.12 -3.92 -43.50
C GLU F 182 -15.77 -3.49 -42.91
N THR F 183 -15.40 -4.12 -41.79
CA THR F 183 -14.40 -3.60 -40.86
C THR F 183 -13.11 -4.42 -40.79
N THR F 184 -12.06 -3.74 -40.33
CA THR F 184 -10.88 -4.39 -39.82
C THR F 184 -11.22 -5.07 -38.47
N SER F 185 -10.27 -5.83 -37.94
CA SER F 185 -10.47 -6.66 -36.75
C SER F 185 -9.93 -5.95 -35.50
N PHE F 186 -10.59 -6.20 -34.36
CA PHE F 186 -10.24 -5.60 -33.07
C PHE F 186 -10.15 -6.69 -32.00
N THR F 187 -9.12 -6.61 -31.16
CA THR F 187 -8.92 -7.54 -30.09
C THR F 187 -9.06 -6.84 -28.73
N PHE F 188 -9.76 -7.48 -27.80
CA PHE F 188 -9.87 -7.03 -26.42
C PHE F 188 -9.97 -8.25 -25.49
N SER F 189 -10.06 -8.00 -24.18
CA SER F 189 -10.26 -9.05 -23.22
C SER F 189 -11.28 -8.60 -22.20
N TYR F 190 -11.80 -9.57 -21.44
CA TYR F 190 -12.64 -9.28 -20.28
C TYR F 190 -12.47 -10.40 -19.27
N ILE F 191 -12.89 -10.09 -18.06
CA ILE F 191 -12.75 -10.96 -16.93
C ILE F 191 -13.89 -11.98 -16.98
N ALA F 192 -13.53 -13.24 -16.84
CA ALA F 192 -14.49 -14.34 -16.95
C ALA F 192 -15.24 -14.59 -15.62
N GLN F 193 -16.50 -14.98 -15.73
CA GLN F 193 -17.35 -15.31 -14.58
C GLN F 193 -16.74 -16.42 -13.71
N GLU F 194 -16.18 -17.44 -14.35
CA GLU F 194 -15.57 -18.52 -13.56
C GLU F 194 -14.42 -19.13 -14.28
C1 SIA G . 11.24 8.33 47.30
C2 SIA G . 10.30 9.32 46.61
C3 SIA G . 10.54 9.45 45.09
C4 SIA G . 10.00 8.25 44.30
C5 SIA G . 8.55 7.93 44.72
C6 SIA G . 8.46 7.79 46.25
C7 SIA G . 7.04 7.46 46.77
C8 SIA G . 7.07 7.37 48.30
C9 SIA G . 5.82 6.71 48.87
C10 SIA G . 7.12 6.61 43.23
C11 SIA G . 6.75 5.23 42.74
N5 SIA G . 8.07 6.68 44.16
O1A SIA G . 12.44 8.32 46.95
O1B SIA G . 10.83 7.57 48.22
O4 SIA G . 10.09 8.50 42.89
O6 SIA G . 8.92 9.00 46.87
O7 SIA G . 6.09 8.44 46.31
O8 SIA G . 8.24 6.65 48.71
O9 SIA G . 5.79 5.30 48.56
O10 SIA G . 6.57 7.59 42.78
ZN ZN H . 17.32 -12.31 43.31
ZN ZN I . 21.80 -12.81 45.25
ZN ZN J . 11.76 1.01 52.30
C ACT K . 18.91 -12.91 45.70
O ACT K . 19.99 -12.62 45.11
OXT ACT K . 17.80 -12.89 45.12
CH3 ACT K . 18.92 -13.32 47.16
C ACT L . 23.24 -12.32 47.29
O ACT L . 23.98 -12.76 46.39
OXT ACT L . 22.02 -12.10 47.08
CH3 ACT L . 23.87 -12.03 48.62
C1 EDO M . 15.20 -3.86 7.21
O1 EDO M . 16.63 -3.95 7.04
C2 EDO M . 14.76 -4.14 8.66
O2 EDO M . 13.36 -3.88 8.80
C1 EDO N . 9.04 2.95 8.25
O1 EDO N . 9.91 1.82 8.44
C2 EDO N . 7.64 2.56 7.78
O2 EDO N . 7.47 1.15 7.90
CL CL O . 27.07 -14.83 23.04
C1 SIA P . 4.29 18.76 43.37
C2 SIA P . 5.65 18.49 42.71
C3 SIA P . 5.71 17.10 42.08
C4 SIA P . 4.78 17.00 40.85
C5 SIA P . 5.09 18.12 39.86
C6 SIA P . 5.03 19.47 40.58
C7 SIA P . 5.33 20.66 39.68
C8 SIA P . 5.12 21.98 40.47
C9 SIA P . 4.78 23.19 39.57
C10 SIA P . 4.43 17.79 37.53
C11 SIA P . 3.32 17.85 36.53
N5 SIA P . 4.11 18.13 38.77
O1A SIA P . 3.74 17.85 44.04
O1B SIA P . 3.73 19.88 43.24
O4 SIA P . 4.96 15.71 40.23
O6 SIA P . 5.96 19.47 41.69
O7 SIA P . 6.66 20.52 39.17
O8 SIA P . 4.05 21.82 41.41
O9 SIA P . 3.44 23.10 39.03
O10 SIA P . 5.56 17.46 37.21
OAA 1P0 Q . 10.35 10.52 47.37
CAG 1P0 Q . 10.40 10.93 48.77
CAJ 1P0 Q . 11.63 11.85 48.99
NAZ 1P0 Q . 11.35 13.36 48.90
CAD 1P0 Q . 12.30 14.27 48.62
NAS 1P0 Q . 10.25 13.96 49.07
NAP 1P0 Q . 10.45 15.29 48.90
CAV 1P0 Q . 11.72 15.47 48.62
CAM 1P0 Q . 12.43 16.81 48.37
NAY 1P0 Q . 11.87 17.64 47.26
CAO 1P0 Q . 12.85 18.63 46.70
CAX 1P0 Q . 13.82 17.64 45.97
CAF 1P0 Q . 15.07 17.77 45.56
NAR 1P0 Q . 13.46 16.40 45.63
NAU 1P0 Q . 14.37 15.83 45.09
NBB 1P0 Q . 15.36 16.57 45.00
CAL 1P0 Q . 16.54 15.94 44.37
CAI 1P0 Q . 16.84 16.59 43.04
OAC 1P0 Q . 15.78 16.12 42.15
CAN 1P0 Q . 11.21 16.84 46.16
CAW 1P0 Q . 10.07 17.83 45.96
CAE 1P0 Q . 9.95 18.67 44.97
NAQ 1P0 Q . 9.11 18.02 46.84
NAT 1P0 Q . 8.39 18.90 46.38
NBA 1P0 Q . 8.86 19.34 45.26
CAK 1P0 Q . 8.32 20.35 44.35
CAH 1P0 Q . 6.78 20.18 44.44
OAB 1P0 Q . 6.40 18.89 43.88
ZN ZN R . -17.35 13.69 40.69
ZN ZN S . -19.07 -15.69 33.95
ZN ZN T . -3.24 23.54 44.31
C ACT U . 14.75 -12.88 42.71
O ACT U . 15.27 -14.00 42.73
OXT ACT U . 15.35 -11.88 43.19
CH3 ACT U . 13.37 -12.76 42.12
C ACT V . -19.25 15.43 42.34
O ACT V . -20.03 14.54 42.76
OXT ACT V . -18.88 15.40 41.16
CH3 ACT V . -18.72 16.52 43.22
C1 EDO W . -19.57 -3.98 37.07
O1 EDO W . -19.60 -2.74 36.33
C2 EDO W . -18.17 -4.19 37.65
O2 EDO W . -18.02 -5.54 38.17
C1 EDO X . -5.82 -14.61 19.77
O1 EDO X . -6.26 -15.41 20.88
C2 EDO X . -5.49 -13.20 20.23
O2 EDO X . -5.78 -12.18 19.28
C1 EDO Y . 2.89 10.19 45.94
O1 EDO Y . 3.02 8.81 46.29
C2 EDO Y . 2.19 10.43 44.61
O2 EDO Y . 3.13 11.04 43.73
MG MG Z . 0.82 -11.69 18.99
C1 SIA AA . 16.59 17.36 40.26
C2 SIA AA . 15.90 16.08 40.72
C3 SIA AA . 14.64 15.78 39.90
C4 SIA AA . 14.98 15.25 38.50
C5 SIA AA . 15.98 14.08 38.59
C6 SIA AA . 17.21 14.55 39.38
C7 SIA AA . 18.34 13.50 39.46
C8 SIA AA . 19.53 14.03 40.26
C9 SIA AA . 20.82 13.26 39.94
C10 SIA AA . 16.10 12.47 36.71
C11 SIA AA . 16.69 12.24 35.35
N5 SIA AA . 16.42 13.64 37.27
O1A SIA AA . 17.85 17.36 40.16
O1B SIA AA . 15.92 18.39 40.03
O4 SIA AA . 13.75 14.88 37.84
O6 SIA AA . 16.84 14.98 40.69
O7 SIA AA . 17.88 12.30 40.07
O8 SIA AA . 19.73 15.40 39.94
O9 SIA AA . 21.13 13.35 38.53
O10 SIA AA . 15.36 11.63 37.20
ZN ZN BA . 21.40 27.43 20.84
C1 EDO CA . 19.02 35.07 19.86
O1 EDO CA . 18.24 36.14 19.32
C2 EDO CA . 18.97 35.12 21.39
O2 EDO CA . 19.78 34.06 21.94
MG MG DA . 24.24 20.93 36.83
MG MG EA . -8.14 4.47 12.79
ZN ZN FA . 19.30 5.37 -33.54
ZN ZN GA . 7.22 17.21 -28.81
C1 SIA HA . -1.21 14.06 -31.54
C2 SIA HA . -2.51 13.72 -30.83
C3 SIA HA . -2.83 12.23 -31.07
C4 SIA HA . -1.89 11.32 -30.28
C5 SIA HA . -2.02 11.67 -28.78
C6 SIA HA . -1.61 13.14 -28.62
C7 SIA HA . -1.52 13.52 -27.13
C8 SIA HA . -1.08 14.98 -26.94
C9 SIA HA . -0.95 15.38 -25.47
C10 SIA HA . -1.57 9.88 -27.10
C11 SIA HA . -0.50 9.19 -26.30
N5 SIA HA . -1.16 10.85 -27.92
O1A SIA HA . -0.34 14.69 -30.91
O1B SIA HA . -1.05 13.70 -32.73
O4 SIA HA . -2.19 9.94 -30.57
O6 SIA HA . -2.47 14.01 -29.40
O7 SIA HA . -2.75 13.21 -26.45
O8 SIA HA . 0.19 15.19 -27.57
O9 SIA HA . 0.24 14.79 -24.90
O10 SIA HA . -2.74 9.56 -26.98
C ACT IA . 14.23 23.32 -35.71
O ACT IA . 15.05 22.85 -36.54
OXT ACT IA . 13.02 23.56 -36.00
CH3 ACT IA . 14.70 23.61 -34.31
C ACT JA . 5.85 22.42 -40.55
O ACT JA . 6.52 21.37 -40.68
OXT ACT JA . 6.33 23.49 -40.10
CH3 ACT JA . 4.40 22.35 -40.95
C ACT KA . 10.16 22.60 -37.43
O ACT KA . 11.21 22.81 -38.09
OXT ACT KA . 9.06 22.43 -37.98
CH3 ACT KA . 10.21 22.54 -35.92
C1 EDO LA . 2.72 -27.49 -35.23
O1 EDO LA . 2.57 -27.53 -36.66
C2 EDO LA . 1.77 -26.43 -34.71
O2 EDO LA . 2.27 -25.65 -33.63
C1 EDO MA . -4.31 -4.83 -48.15
O1 EDO MA . -5.33 -5.64 -47.59
C2 EDO MA . -3.89 -3.83 -47.12
O2 EDO MA . -2.89 -4.41 -46.28
C1 EDO NA . 15.41 -9.26 -48.09
O1 EDO NA . 16.19 -9.82 -47.01
C2 EDO NA . 14.84 -7.92 -47.66
O2 EDO NA . 15.07 -6.91 -48.66
C1 EDO OA . -1.01 -22.98 -52.65
O1 EDO OA . -1.37 -23.97 -51.68
C2 EDO OA . 0.35 -23.33 -53.23
O2 EDO OA . 1.23 -22.20 -53.10
C1 GOL PA . 3.21 -19.52 -54.32
O1 GOL PA . 1.95 -19.88 -53.72
C2 GOL PA . 3.00 -19.00 -55.74
O2 GOL PA . 4.28 -18.83 -56.39
C3 GOL PA . 2.25 -17.65 -55.79
O3 GOL PA . 1.29 -17.49 -54.72
MG MG QA . -4.28 -24.72 -32.58
ZN ZN RA . -17.59 9.04 -7.49
ZN ZN SA . -20.26 15.16 -23.27
C1 SIA TA . -12.85 13.71 -28.82
C2 SIA TA . -12.45 13.02 -30.12
C3 SIA TA . -11.38 11.93 -29.87
C4 SIA TA . -11.94 10.72 -29.10
C5 SIA TA . -13.15 10.20 -29.89
C6 SIA TA . -14.17 11.31 -30.10
C7 SIA TA . -15.45 10.77 -30.79
C8 SIA TA . -16.40 11.94 -31.10
C9 SIA TA . -17.75 11.49 -31.68
C10 SIA TA . -13.62 7.84 -29.50
C11 SIA TA . -14.42 6.87 -28.67
N5 SIA TA . -13.84 9.11 -29.21
O1A SIA TA . -11.95 14.07 -28.04
O1B SIA TA . -14.07 13.92 -28.57
O4 SIA TA . -10.92 9.71 -28.86
O6 SIA TA . -13.58 12.44 -30.79
O7 SIA TA . -15.12 9.96 -31.94
O8 SIA TA . -16.60 12.70 -29.89
O9 SIA TA . -18.67 11.12 -30.64
O10 SIA TA . -12.83 7.49 -30.36
C ACT UA . 20.46 3.07 -32.04
O ACT UA . 19.39 2.76 -31.47
OXT ACT UA . 20.52 3.96 -32.90
CH3 ACT UA . 21.75 2.35 -31.72
C1 EDO VA . -14.78 14.31 -2.42
O1 EDO VA . -14.69 14.11 -3.86
C2 EDO VA . -13.53 13.70 -1.77
O2 EDO VA . -13.47 13.84 -0.34
C1 EDO WA . 5.75 -17.86 -10.81
O1 EDO WA . 5.16 -18.37 -12.00
C2 EDO WA . 7.14 -18.45 -10.66
O2 EDO WA . 7.91 -17.66 -9.73
C1 EDO XA . -6.15 -4.57 -1.48
O1 EDO XA . -5.03 -5.05 -2.27
C2 EDO XA . -5.78 -3.41 -0.56
O2 EDO XA . -6.86 -3.17 0.36
MG MG YA . -4.25 1.99 3.23
MG MG ZA . 6.72 -18.25 -17.76
ZN ZN AB . -22.87 -3.81 -52.04
ZN ZN BB . -18.65 -5.76 -50.60
ZN ZN CB . -10.02 8.25 -48.82
C1 SIA DB . -8.72 10.58 -40.28
C2 SIA DB . -7.76 10.70 -39.12
C3 SIA DB . -8.14 9.75 -37.96
C4 SIA DB . -7.81 8.26 -38.21
C5 SIA DB . -6.37 8.14 -38.72
C6 SIA DB . -6.17 9.05 -39.93
C7 SIA DB . -4.78 8.86 -40.58
C8 SIA DB . -4.56 9.80 -41.76
C9 SIA DB . -3.30 9.44 -42.56
C10 SIA DB . -5.24 5.98 -38.45
C11 SIA DB . -5.01 4.63 -39.05
N5 SIA DB . -6.03 6.79 -39.13
O1A SIA DB . -8.27 10.71 -41.45
O1B SIA DB . -9.95 10.38 -40.09
O4 SIA DB . -8.01 7.47 -37.00
O6 SIA DB . -6.42 10.41 -39.56
O7 SIA DB . -3.75 9.03 -39.60
O8 SIA DB . -5.68 9.72 -42.65
O9 SIA DB . -3.51 8.21 -43.29
O10 SIA DB . -4.74 6.30 -37.39
C ACT EB . -9.66 -20.63 -15.23
O ACT EB . -10.06 -21.54 -16.00
OXT ACT EB . -10.45 -19.73 -14.83
CH3 ACT EB . -8.23 -20.60 -14.82
C1 GOL FB . -14.71 1.75 -49.58
O1 GOL FB . -14.16 2.16 -48.32
C2 GOL FB . -16.02 2.47 -49.79
O2 GOL FB . -17.06 1.55 -50.18
C3 GOL FB . -15.85 3.57 -50.84
O3 GOL FB . -15.21 4.72 -50.27
C1 GOL GB . -18.60 -24.58 -18.28
O1 GOL GB . -19.68 -23.74 -17.80
C2 GOL GB . -17.44 -23.70 -18.70
O2 GOL GB . -17.86 -22.71 -19.63
C3 GOL GB . -16.33 -24.42 -19.44
O3 GOL GB . -15.29 -23.44 -19.59
CA CA HB . -12.55 -20.30 -15.70
#